data_8RPQ
#
_entry.id   8RPQ
#
_entity_poly.entity_id   1
_entity_poly.type   'polypeptide(L)'
_entity_poly.pdbx_seq_one_letter_code
;GPDIIPIVAGVVAGIVLIGLALLLIWKLLMIIHDRR
;
_entity_poly.pdbx_strand_id   A
#
# COMPACT_ATOMS: atom_id res chain seq x y z
N GLY A 1 -12.12 -3.05 -19.82
CA GLY A 1 -13.56 -2.83 -20.14
C GLY A 1 -13.85 -1.41 -20.59
N PRO A 2 -15.12 -1.09 -20.92
CA PRO A 2 -15.52 0.23 -21.36
C PRO A 2 -15.84 1.17 -20.20
N ASP A 3 -15.29 2.38 -20.26
CA ASP A 3 -15.51 3.39 -19.22
C ASP A 3 -15.15 2.85 -17.84
N ILE A 4 -14.05 2.11 -17.76
CA ILE A 4 -13.59 1.55 -16.50
C ILE A 4 -12.15 1.94 -16.22
N ILE A 5 -11.44 2.33 -17.27
CA ILE A 5 -10.04 2.73 -17.15
C ILE A 5 -9.83 3.78 -16.06
N PRO A 6 -10.64 4.86 -16.04
CA PRO A 6 -10.52 5.92 -15.02
C PRO A 6 -10.57 5.38 -13.61
N ILE A 7 -11.35 4.31 -13.40
CA ILE A 7 -11.48 3.69 -12.09
C ILE A 7 -10.23 2.90 -11.74
N VAL A 8 -9.72 2.15 -12.71
CA VAL A 8 -8.53 1.33 -12.51
C VAL A 8 -7.34 2.20 -12.11
N ALA A 9 -7.14 3.29 -12.83
CA ALA A 9 -6.04 4.21 -12.55
C ALA A 9 -6.01 4.62 -11.09
N GLY A 10 -7.19 4.73 -10.48
CA GLY A 10 -7.27 5.12 -9.08
C GLY A 10 -7.09 3.96 -8.13
N VAL A 11 -7.85 2.88 -8.36
CA VAL A 11 -7.79 1.70 -7.51
C VAL A 11 -6.45 0.98 -7.64
N VAL A 12 -6.12 0.55 -8.86
CA VAL A 12 -4.87 -0.16 -9.12
C VAL A 12 -3.68 0.58 -8.53
N ALA A 13 -3.77 1.91 -8.47
CA ALA A 13 -2.69 2.73 -7.92
C ALA A 13 -2.63 2.59 -6.41
N GLY A 14 -3.78 2.77 -5.75
CA GLY A 14 -3.83 2.67 -4.31
C GLY A 14 -3.43 1.29 -3.81
N ILE A 15 -3.68 0.27 -4.64
CA ILE A 15 -3.34 -1.10 -4.27
C ILE A 15 -1.83 -1.26 -4.11
N VAL A 16 -1.08 -0.54 -4.94
CA VAL A 16 0.38 -0.60 -4.89
C VAL A 16 0.91 0.17 -3.69
N LEU A 17 0.17 1.19 -3.26
CA LEU A 17 0.57 2.01 -2.14
C LEU A 17 0.30 1.27 -0.82
N ILE A 18 -0.75 0.46 -0.80
CA ILE A 18 -1.10 -0.29 0.39
C ILE A 18 -0.11 -1.43 0.63
N GLY A 19 0.29 -2.09 -0.45
CA GLY A 19 1.23 -3.18 -0.34
C GLY A 19 2.62 -2.71 0.02
N LEU A 20 2.87 -1.42 -0.18
CA LEU A 20 4.16 -0.83 0.12
C LEU A 20 4.15 -0.19 1.50
N ALA A 21 3.02 0.41 1.86
CA ALA A 21 2.87 1.06 3.16
C ALA A 21 2.85 0.03 4.29
N LEU A 22 2.36 -1.16 3.97
CA LEU A 22 2.28 -2.24 4.96
C LEU A 22 3.67 -2.84 5.19
N LEU A 23 4.45 -2.96 4.13
CA LEU A 23 5.79 -3.51 4.22
C LEU A 23 6.73 -2.54 4.94
N LEU A 24 6.40 -1.26 4.89
CA LEU A 24 7.21 -0.24 5.55
C LEU A 24 6.98 -0.30 7.06
N ILE A 25 5.72 -0.19 7.47
CA ILE A 25 5.37 -0.26 8.88
C ILE A 25 5.75 -1.62 9.43
N TRP A 26 5.81 -2.59 8.53
CA TRP A 26 6.18 -3.95 8.87
C TRP A 26 7.55 -3.99 9.51
N LYS A 27 8.47 -3.21 8.96
CA LYS A 27 9.84 -3.15 9.48
C LYS A 27 9.86 -2.54 10.87
N LEU A 28 8.89 -1.67 11.14
CA LEU A 28 8.79 -1.02 12.44
C LEU A 28 8.29 -1.99 13.50
N LEU A 29 7.62 -3.05 13.06
CA LEU A 29 7.10 -4.06 13.95
C LEU A 29 8.18 -5.08 14.31
N MET A 30 8.91 -5.52 13.29
CA MET A 30 9.97 -6.52 13.47
C MET A 30 11.21 -5.91 14.13
N ILE A 31 11.45 -4.63 13.90
CA ILE A 31 12.61 -3.96 14.48
C ILE A 31 12.56 -3.98 16.01
N ILE A 32 11.37 -4.15 16.56
CA ILE A 32 11.18 -4.19 18.00
C ILE A 32 11.47 -5.57 18.56
N HIS A 33 10.91 -6.60 17.93
CA HIS A 33 11.11 -7.97 18.38
C HIS A 33 12.47 -8.50 17.93
N ASP A 34 13.21 -7.67 17.21
CA ASP A 34 14.53 -8.06 16.72
C ASP A 34 15.56 -8.04 17.85
N ARG A 35 15.37 -7.12 18.79
CA ARG A 35 16.28 -6.99 19.92
C ARG A 35 15.72 -7.71 21.15
N ARG A 36 14.43 -8.03 21.10
CA ARG A 36 13.76 -8.71 22.21
C ARG A 36 14.30 -10.12 22.37
N GLY A 1 -13.72 -1.48 -22.05
CA GLY A 1 -15.07 -1.03 -21.63
C GLY A 1 -15.14 0.47 -21.38
N PRO A 2 -16.35 1.04 -21.23
CA PRO A 2 -16.53 2.46 -20.97
C PRO A 2 -16.54 2.80 -19.49
N ASP A 3 -15.90 3.91 -19.13
CA ASP A 3 -15.85 4.35 -17.74
C ASP A 3 -15.26 3.26 -16.84
N ILE A 4 -14.24 2.58 -17.32
CA ILE A 4 -13.60 1.51 -16.55
C ILE A 4 -12.11 1.81 -16.36
N ILE A 5 -11.51 2.50 -17.33
CA ILE A 5 -10.10 2.84 -17.27
C ILE A 5 -9.79 3.73 -16.06
N PRO A 6 -10.58 4.79 -15.83
CA PRO A 6 -10.35 5.70 -14.69
C PRO A 6 -10.55 5.00 -13.36
N ILE A 7 -11.17 3.83 -13.40
CA ILE A 7 -11.43 3.05 -12.20
C ILE A 7 -10.22 2.21 -11.82
N VAL A 8 -9.68 1.47 -12.80
CA VAL A 8 -8.51 0.63 -12.57
C VAL A 8 -7.28 1.49 -12.30
N ALA A 9 -7.11 2.55 -13.09
CA ALA A 9 -5.97 3.44 -12.93
C ALA A 9 -6.04 4.18 -11.61
N GLY A 10 -7.24 4.32 -11.06
CA GLY A 10 -7.41 5.02 -9.80
C GLY A 10 -7.17 4.12 -8.59
N VAL A 11 -7.91 3.03 -8.51
CA VAL A 11 -7.79 2.09 -7.40
C VAL A 11 -6.43 1.39 -7.39
N VAL A 12 -6.12 0.70 -8.48
CA VAL A 12 -4.85 -0.01 -8.60
C VAL A 12 -3.67 0.88 -8.22
N ALA A 13 -3.83 2.19 -8.42
CA ALA A 13 -2.78 3.15 -8.11
C ALA A 13 -2.77 3.48 -6.62
N GLY A 14 -3.96 3.73 -6.07
CA GLY A 14 -4.07 4.05 -4.66
C GLY A 14 -3.59 2.92 -3.77
N ILE A 15 -3.65 1.71 -4.29
CA ILE A 15 -3.21 0.53 -3.55
C ILE A 15 -1.69 0.52 -3.40
N VAL A 16 -1.02 1.19 -4.33
CA VAL A 16 0.44 1.26 -4.31
C VAL A 16 0.92 2.30 -3.30
N LEU A 17 0.13 3.35 -3.12
CA LEU A 17 0.47 4.42 -2.18
C LEU A 17 0.29 3.95 -0.74
N ILE A 18 -0.87 3.38 -0.43
CA ILE A 18 -1.15 2.90 0.92
C ILE A 18 -0.10 1.88 1.35
N GLY A 19 0.12 0.88 0.50
CA GLY A 19 1.10 -0.16 0.80
C GLY A 19 2.50 0.40 0.94
N LEU A 20 2.71 1.60 0.42
CA LEU A 20 4.02 2.24 0.50
C LEU A 20 4.15 3.11 1.75
N ALA A 21 3.05 3.74 2.15
CA ALA A 21 3.05 4.59 3.33
C ALA A 21 3.14 3.77 4.61
N LEU A 22 2.71 2.51 4.54
CA LEU A 22 2.75 1.62 5.69
C LEU A 22 4.17 1.14 5.97
N LEU A 23 4.86 0.70 4.93
CA LEU A 23 6.24 0.22 5.07
C LEU A 23 7.18 1.36 5.42
N LEU A 24 6.76 2.58 5.10
CA LEU A 24 7.57 3.76 5.39
C LEU A 24 7.52 4.08 6.87
N ILE A 25 6.32 4.29 7.40
CA ILE A 25 6.15 4.59 8.82
C ILE A 25 6.69 3.45 9.66
N TRP A 26 6.72 2.26 9.05
CA TRP A 26 7.22 1.07 9.71
C TRP A 26 8.71 1.21 10.01
N LYS A 27 9.45 1.79 9.07
CA LYS A 27 10.88 1.99 9.24
C LYS A 27 11.16 2.98 10.37
N LEU A 28 10.24 3.91 10.58
CA LEU A 28 10.38 4.91 11.63
C LEU A 28 10.15 4.29 13.00
N LEU A 29 9.49 3.13 13.01
CA LEU A 29 9.21 2.42 14.25
C LEU A 29 10.40 1.55 14.67
N MET A 30 10.93 0.78 13.73
CA MET A 30 12.05 -0.11 14.00
C MET A 30 13.34 0.67 14.26
N ILE A 31 13.48 1.83 13.63
CA ILE A 31 14.67 2.66 13.80
C ILE A 31 14.87 3.04 15.26
N ILE A 32 13.80 2.97 16.04
CA ILE A 32 13.85 3.32 17.45
C ILE A 32 14.37 2.16 18.29
N HIS A 33 13.98 0.95 17.92
CA HIS A 33 14.42 -0.25 18.65
C HIS A 33 15.74 -0.76 18.10
N ASP A 34 16.37 0.04 17.24
CA ASP A 34 17.65 -0.33 16.64
C ASP A 34 18.81 0.18 17.49
N ARG A 35 18.59 1.28 18.20
CA ARG A 35 19.63 1.86 19.04
C ARG A 35 19.69 1.16 20.40
N ARG A 36 18.57 0.62 20.82
CA ARG A 36 18.49 -0.10 22.10
C ARG A 36 19.23 -1.43 22.03
N GLY A 1 -11.53 0.15 -22.65
CA GLY A 1 -12.54 -0.17 -21.62
C GLY A 1 -13.54 0.96 -21.42
N PRO A 2 -14.84 0.63 -21.24
CA PRO A 2 -15.89 1.64 -21.05
C PRO A 2 -16.07 2.04 -19.58
N ASP A 3 -15.73 3.29 -19.27
CA ASP A 3 -15.86 3.82 -17.91
C ASP A 3 -15.20 2.90 -16.88
N ILE A 4 -14.11 2.25 -17.27
CA ILE A 4 -13.40 1.36 -16.37
C ILE A 4 -11.93 1.78 -16.25
N ILE A 5 -11.43 2.46 -17.29
CA ILE A 5 -10.05 2.92 -17.30
C ILE A 5 -9.78 3.92 -16.18
N PRO A 6 -10.64 4.96 -16.00
CA PRO A 6 -10.46 5.95 -14.94
C PRO A 6 -10.65 5.36 -13.56
N ILE A 7 -11.17 4.13 -13.52
CA ILE A 7 -11.41 3.43 -12.27
C ILE A 7 -10.16 2.67 -11.82
N VAL A 8 -9.64 1.83 -12.71
CA VAL A 8 -8.46 1.05 -12.42
C VAL A 8 -7.28 1.97 -12.09
N ALA A 9 -7.16 3.06 -12.84
CA ALA A 9 -6.08 4.01 -12.62
C ALA A 9 -6.06 4.52 -11.19
N GLY A 10 -7.24 4.67 -10.59
CA GLY A 10 -7.34 5.15 -9.23
C GLY A 10 -7.17 4.04 -8.20
N VAL A 11 -7.84 2.91 -8.43
CA VAL A 11 -7.77 1.78 -7.51
C VAL A 11 -6.42 1.07 -7.57
N VAL A 12 -6.07 0.56 -8.75
CA VAL A 12 -4.81 -0.16 -8.94
C VAL A 12 -3.63 0.65 -8.39
N ALA A 13 -3.78 1.96 -8.37
CA ALA A 13 -2.72 2.84 -7.86
C ALA A 13 -2.66 2.79 -6.34
N GLY A 14 -3.81 2.96 -5.70
CA GLY A 14 -3.88 2.94 -4.25
C GLY A 14 -3.49 1.58 -3.69
N ILE A 15 -3.66 0.54 -4.48
CA ILE A 15 -3.33 -0.81 -4.06
C ILE A 15 -1.82 -0.99 -3.93
N VAL A 16 -1.08 -0.23 -4.74
CA VAL A 16 0.38 -0.28 -4.72
C VAL A 16 0.94 0.52 -3.55
N LEU A 17 0.22 1.56 -3.15
CA LEU A 17 0.65 2.41 -2.05
C LEU A 17 0.46 1.72 -0.71
N ILE A 18 -0.73 1.14 -0.51
CA ILE A 18 -1.04 0.45 0.74
C ILE A 18 -0.12 -0.76 0.95
N GLY A 19 0.24 -1.43 -0.14
CA GLY A 19 1.12 -2.58 -0.04
C GLY A 19 2.48 -2.22 0.50
N LEU A 20 2.87 -0.96 0.36
CA LEU A 20 4.16 -0.50 0.85
C LEU A 20 4.00 0.20 2.19
N ALA A 21 2.85 0.86 2.36
CA ALA A 21 2.56 1.56 3.61
C ALA A 21 2.23 0.58 4.72
N LEU A 22 1.90 -0.65 4.35
CA LEU A 22 1.57 -1.69 5.33
C LEU A 22 2.69 -1.87 6.33
N LEU A 23 3.93 -1.80 5.83
CA LEU A 23 5.11 -1.95 6.68
C LEU A 23 5.45 -0.66 7.40
N LEU A 24 5.05 0.47 6.81
CA LEU A 24 5.32 1.78 7.41
C LEU A 24 4.51 1.95 8.69
N ILE A 25 3.19 1.89 8.56
CA ILE A 25 2.30 2.03 9.71
C ILE A 25 2.62 0.96 10.75
N TRP A 26 3.20 -0.14 10.27
CA TRP A 26 3.57 -1.25 11.13
C TRP A 26 4.64 -0.82 12.12
N LYS A 27 5.57 0.02 11.66
CA LYS A 27 6.64 0.51 12.51
C LYS A 27 6.08 1.32 13.68
N LEU A 28 4.91 1.91 13.46
CA LEU A 28 4.25 2.70 14.49
C LEU A 28 3.51 1.80 15.48
N LEU A 29 3.26 0.57 15.05
CA LEU A 29 2.57 -0.41 15.88
C LEU A 29 3.52 -1.07 16.88
N MET A 30 4.54 -1.73 16.36
CA MET A 30 5.53 -2.43 17.19
C MET A 30 6.29 -1.47 18.10
N ILE A 31 6.51 -0.24 17.63
CA ILE A 31 7.25 0.75 18.42
C ILE A 31 6.58 1.00 19.76
N ILE A 32 5.30 0.67 19.85
CA ILE A 32 4.54 0.87 21.07
C ILE A 32 4.76 -0.28 22.05
N HIS A 33 4.95 -1.48 21.52
CA HIS A 33 5.18 -2.66 22.35
C HIS A 33 6.67 -2.80 22.69
N ASP A 34 7.47 -1.86 22.22
CA ASP A 34 8.91 -1.88 22.48
C ASP A 34 9.18 -1.81 23.98
N ARG A 35 8.27 -1.17 24.71
CA ARG A 35 8.40 -1.04 26.16
C ARG A 35 7.38 -1.94 26.86
N ARG A 36 6.36 -2.35 26.14
CA ARG A 36 5.32 -3.22 26.68
C ARG A 36 5.49 -4.65 26.18
N GLY A 1 -13.35 -3.35 -21.47
CA GLY A 1 -13.42 -2.50 -20.25
C GLY A 1 -13.81 -1.06 -20.55
N PRO A 2 -15.10 -0.80 -20.82
CA PRO A 2 -15.59 0.54 -21.12
C PRO A 2 -15.97 1.33 -19.87
N ASP A 3 -15.56 2.60 -19.83
CA ASP A 3 -15.86 3.47 -18.69
C ASP A 3 -15.32 2.90 -17.39
N ILE A 4 -14.21 2.17 -17.48
CA ILE A 4 -13.59 1.58 -16.30
C ILE A 4 -12.12 1.95 -16.21
N ILE A 5 -11.58 2.48 -17.30
CA ILE A 5 -10.18 2.89 -17.35
C ILE A 5 -9.82 3.84 -16.21
N PRO A 6 -10.65 4.89 -15.97
CA PRO A 6 -10.37 5.85 -14.89
C PRO A 6 -10.52 5.22 -13.51
N ILE A 7 -11.12 4.03 -13.48
CA ILE A 7 -11.33 3.32 -12.23
C ILE A 7 -10.12 2.47 -11.89
N VAL A 8 -9.49 1.89 -12.91
CA VAL A 8 -8.31 1.06 -12.72
C VAL A 8 -7.14 1.91 -12.25
N ALA A 9 -6.80 2.92 -13.04
CA ALA A 9 -5.69 3.81 -12.72
C ALA A 9 -5.82 4.38 -11.30
N GLY A 10 -7.07 4.52 -10.85
CA GLY A 10 -7.30 5.05 -9.50
C GLY A 10 -7.17 3.99 -8.44
N VAL A 11 -8.01 2.95 -8.53
CA VAL A 11 -7.98 1.85 -7.57
C VAL A 11 -6.61 1.17 -7.56
N VAL A 12 -6.20 0.66 -8.72
CA VAL A 12 -4.92 -0.04 -8.84
C VAL A 12 -3.79 0.74 -8.17
N ALA A 13 -3.89 2.07 -8.20
CA ALA A 13 -2.89 2.92 -7.60
C ALA A 13 -2.82 2.70 -6.08
N GLY A 14 -3.95 2.91 -5.41
CA GLY A 14 -4.00 2.72 -3.97
C GLY A 14 -3.65 1.30 -3.57
N ILE A 15 -3.87 0.36 -4.48
CA ILE A 15 -3.58 -1.04 -4.21
C ILE A 15 -2.07 -1.27 -4.12
N VAL A 16 -1.31 -0.49 -4.87
CA VAL A 16 0.15 -0.61 -4.85
C VAL A 16 0.72 -0.09 -3.54
N LEU A 17 0.16 1.02 -3.05
CA LEU A 17 0.62 1.61 -1.80
C LEU A 17 0.42 0.63 -0.64
N ILE A 18 -0.72 -0.05 -0.62
CA ILE A 18 -1.00 -1.02 0.42
C ILE A 18 0.03 -2.13 0.43
N GLY A 19 0.44 -2.56 -0.76
CA GLY A 19 1.44 -3.60 -0.87
C GLY A 19 2.75 -3.21 -0.24
N LEU A 20 2.99 -1.91 -0.15
CA LEU A 20 4.22 -1.39 0.46
C LEU A 20 4.02 -1.17 1.95
N ALA A 21 2.82 -0.73 2.30
CA ALA A 21 2.48 -0.48 3.70
C ALA A 21 2.39 -1.77 4.48
N LEU A 22 2.21 -2.88 3.78
CA LEU A 22 2.12 -4.19 4.42
C LEU A 22 3.41 -4.52 5.14
N LEU A 23 4.52 -4.06 4.58
CA LEU A 23 5.83 -4.31 5.17
C LEU A 23 6.14 -3.28 6.26
N LEU A 24 5.57 -2.08 6.11
CA LEU A 24 5.78 -1.02 7.09
C LEU A 24 5.12 -1.39 8.41
N ILE A 25 3.81 -1.60 8.39
CA ILE A 25 3.08 -1.98 9.60
C ILE A 25 3.69 -3.24 10.18
N TRP A 26 4.32 -4.01 9.31
CA TRP A 26 4.97 -5.24 9.71
C TRP A 26 6.25 -4.96 10.49
N LYS A 27 7.00 -3.96 10.04
CA LYS A 27 8.25 -3.58 10.68
C LYS A 27 7.99 -2.75 11.93
N LEU A 28 6.82 -2.11 11.98
CA LEU A 28 6.47 -1.28 13.13
C LEU A 28 6.60 -2.06 14.44
N LEU A 29 6.34 -3.36 14.37
CA LEU A 29 6.44 -4.21 15.55
C LEU A 29 7.88 -4.66 15.78
N MET A 30 8.59 -4.94 14.69
CA MET A 30 9.98 -5.39 14.77
C MET A 30 10.88 -4.28 15.29
N ILE A 31 10.46 -3.03 15.08
CA ILE A 31 11.22 -1.87 15.53
C ILE A 31 11.20 -1.76 17.05
N ILE A 32 10.21 -2.39 17.67
CA ILE A 32 10.08 -2.36 19.12
C ILE A 32 11.07 -3.29 19.80
N HIS A 33 11.31 -4.45 19.18
CA HIS A 33 12.24 -5.43 19.73
C HIS A 33 13.68 -5.07 19.37
N ASP A 34 13.85 -3.91 18.74
CA ASP A 34 15.18 -3.45 18.34
C ASP A 34 16.06 -3.20 19.57
N ARG A 35 15.42 -2.87 20.68
CA ARG A 35 16.14 -2.61 21.93
C ARG A 35 15.45 -3.29 23.10
N ARG A 36 15.07 -4.55 22.92
CA ARG A 36 14.40 -5.31 23.97
C ARG A 36 15.28 -5.45 25.21
N GLY A 1 -11.88 -0.45 -22.26
CA GLY A 1 -13.18 -0.59 -21.54
C GLY A 1 -13.88 0.75 -21.35
N PRO A 2 -15.22 0.76 -21.24
CA PRO A 2 -15.99 1.98 -21.05
C PRO A 2 -16.22 2.33 -19.59
N ASP A 3 -15.90 3.58 -19.23
CA ASP A 3 -16.07 4.07 -17.86
C ASP A 3 -15.43 3.13 -16.84
N ILE A 4 -14.36 2.47 -17.23
CA ILE A 4 -13.66 1.55 -16.33
C ILE A 4 -12.16 1.88 -16.26
N ILE A 5 -11.67 2.53 -17.30
CA ILE A 5 -10.26 2.92 -17.36
C ILE A 5 -9.87 3.85 -16.21
N PRO A 6 -10.67 4.90 -15.93
CA PRO A 6 -10.38 5.86 -14.85
C PRO A 6 -10.53 5.23 -13.48
N ILE A 7 -11.10 4.03 -13.45
CA ILE A 7 -11.31 3.30 -12.20
C ILE A 7 -10.09 2.47 -11.85
N VAL A 8 -9.54 1.78 -12.83
CA VAL A 8 -8.36 0.95 -12.61
C VAL A 8 -7.17 1.81 -12.19
N ALA A 9 -6.81 2.77 -13.04
CA ALA A 9 -5.70 3.66 -12.76
C ALA A 9 -5.81 4.29 -11.37
N GLY A 10 -7.05 4.49 -10.91
CA GLY A 10 -7.26 5.08 -9.59
C GLY A 10 -7.10 4.08 -8.48
N VAL A 11 -7.93 3.04 -8.49
CA VAL A 11 -7.88 2.00 -7.45
C VAL A 11 -6.53 1.29 -7.45
N VAL A 12 -6.16 0.73 -8.61
CA VAL A 12 -4.89 0.01 -8.75
C VAL A 12 -3.73 0.81 -8.16
N ALA A 13 -3.84 2.14 -8.20
CA ALA A 13 -2.80 3.00 -7.66
C ALA A 13 -2.77 2.95 -6.14
N GLY A 14 -3.90 3.22 -5.51
CA GLY A 14 -3.98 3.18 -4.06
C GLY A 14 -3.58 1.84 -3.48
N ILE A 15 -3.82 0.78 -4.25
CA ILE A 15 -3.48 -0.57 -3.82
C ILE A 15 -1.97 -0.74 -3.70
N VAL A 16 -1.23 0.01 -4.50
CA VAL A 16 0.23 -0.07 -4.49
C VAL A 16 0.79 0.45 -3.16
N LEU A 17 0.46 1.69 -2.84
CA LEU A 17 0.92 2.32 -1.61
C LEU A 17 0.59 1.44 -0.40
N ILE A 18 -0.64 0.94 -0.35
CA ILE A 18 -1.07 0.10 0.77
C ILE A 18 -0.19 -1.15 0.87
N GLY A 19 0.10 -1.77 -0.27
CA GLY A 19 0.94 -2.95 -0.28
C GLY A 19 2.31 -2.68 0.28
N LEU A 20 2.71 -1.41 0.26
CA LEU A 20 4.01 -1.00 0.78
C LEU A 20 3.91 -0.63 2.25
N ALA A 21 2.79 -0.01 2.62
CA ALA A 21 2.56 0.40 3.99
C ALA A 21 2.51 -0.80 4.93
N LEU A 22 1.98 -1.92 4.43
CA LEU A 22 1.88 -3.14 5.22
C LEU A 22 3.27 -3.65 5.58
N LEU A 23 4.18 -3.60 4.62
CA LEU A 23 5.55 -4.06 4.84
C LEU A 23 6.30 -3.08 5.74
N LEU A 24 5.91 -1.80 5.67
CA LEU A 24 6.53 -0.77 6.48
C LEU A 24 6.18 -0.97 7.95
N ILE A 25 4.89 -0.96 8.26
CA ILE A 25 4.41 -1.17 9.61
C ILE A 25 4.84 -2.53 10.12
N TRP A 26 5.10 -3.44 9.19
CA TRP A 26 5.52 -4.79 9.51
C TRP A 26 6.87 -4.78 10.22
N LYS A 27 7.77 -3.95 9.73
CA LYS A 27 9.09 -3.84 10.32
C LYS A 27 9.00 -3.44 11.78
N LEU A 28 8.02 -2.61 12.10
CA LEU A 28 7.82 -2.14 13.47
C LEU A 28 7.58 -3.31 14.41
N LEU A 29 7.17 -4.45 13.84
CA LEU A 29 6.89 -5.65 14.62
C LEU A 29 8.17 -6.37 14.99
N MET A 30 8.91 -6.81 13.98
CA MET A 30 10.16 -7.53 14.19
C MET A 30 11.17 -6.68 14.97
N ILE A 31 11.09 -5.36 14.80
CA ILE A 31 11.99 -4.44 15.48
C ILE A 31 11.91 -4.61 17.01
N ILE A 32 10.73 -4.98 17.49
CA ILE A 32 10.51 -5.16 18.92
C ILE A 32 10.98 -6.53 19.38
N HIS A 33 10.62 -7.57 18.61
CA HIS A 33 11.00 -8.93 18.95
C HIS A 33 12.43 -9.23 18.52
N ASP A 34 13.13 -8.20 18.07
CA ASP A 34 14.51 -8.35 17.62
C ASP A 34 15.42 -8.67 18.81
N ARG A 35 14.96 -8.37 20.01
CA ARG A 35 15.72 -8.61 21.22
C ARG A 35 15.83 -10.11 21.50
N ARG A 36 14.97 -10.89 20.86
CA ARG A 36 14.98 -12.35 21.03
C ARG A 36 16.23 -12.95 20.42
N GLY A 1 -13.08 -1.77 -21.39
CA GLY A 1 -14.46 -1.57 -20.89
C GLY A 1 -14.87 -0.11 -20.88
N PRO A 2 -16.19 0.18 -20.84
CA PRO A 2 -16.69 1.55 -20.84
C PRO A 2 -16.72 2.17 -19.44
N ASP A 3 -16.12 3.34 -19.29
CA ASP A 3 -16.08 4.04 -18.02
C ASP A 3 -15.48 3.17 -16.92
N ILE A 4 -14.41 2.46 -17.25
CA ILE A 4 -13.74 1.60 -16.30
C ILE A 4 -12.25 1.92 -16.22
N ILE A 5 -11.73 2.54 -17.29
CA ILE A 5 -10.32 2.92 -17.35
C ILE A 5 -9.95 3.88 -16.22
N PRO A 6 -10.76 4.93 -15.97
CA PRO A 6 -10.47 5.90 -14.91
C PRO A 6 -10.59 5.27 -13.53
N ILE A 7 -11.14 4.07 -13.49
CA ILE A 7 -11.31 3.36 -12.22
C ILE A 7 -10.07 2.54 -11.88
N VAL A 8 -9.53 1.84 -12.87
CA VAL A 8 -8.34 1.04 -12.65
C VAL A 8 -7.16 1.92 -12.24
N ALA A 9 -6.87 2.92 -13.07
CA ALA A 9 -5.76 3.84 -12.80
C ALA A 9 -5.81 4.39 -11.37
N GLY A 10 -7.01 4.58 -10.85
CA GLY A 10 -7.15 5.10 -9.50
C GLY A 10 -7.05 4.01 -8.44
N VAL A 11 -7.95 3.03 -8.50
CA VAL A 11 -7.94 1.93 -7.54
C VAL A 11 -6.60 1.20 -7.54
N VAL A 12 -6.18 0.74 -8.71
CA VAL A 12 -4.92 0.01 -8.84
C VAL A 12 -3.79 0.72 -8.11
N ALA A 13 -3.81 2.06 -8.14
CA ALA A 13 -2.77 2.85 -7.48
C ALA A 13 -2.69 2.49 -6.01
N GLY A 14 -3.80 2.65 -5.29
CA GLY A 14 -3.82 2.32 -3.88
C GLY A 14 -3.58 0.84 -3.65
N ILE A 15 -3.76 0.05 -4.70
CA ILE A 15 -3.55 -1.39 -4.62
C ILE A 15 -2.08 -1.73 -4.82
N VAL A 16 -1.35 -0.86 -5.51
CA VAL A 16 0.07 -1.07 -5.75
C VAL A 16 0.88 -0.95 -4.47
N LEU A 17 0.62 0.12 -3.71
CA LEU A 17 1.32 0.34 -2.46
C LEU A 17 0.87 -0.66 -1.40
N ILE A 18 -0.43 -0.72 -1.16
CA ILE A 18 -0.99 -1.65 -0.18
C ILE A 18 -0.66 -3.08 -0.56
N GLY A 19 -0.59 -3.34 -1.87
CA GLY A 19 -0.28 -4.67 -2.35
C GLY A 19 1.17 -5.01 -2.14
N LEU A 20 1.99 -3.98 -1.94
CA LEU A 20 3.42 -4.16 -1.71
C LEU A 20 3.71 -4.39 -0.23
N ALA A 21 3.00 -3.65 0.62
CA ALA A 21 3.18 -3.76 2.07
C ALA A 21 2.51 -5.03 2.61
N LEU A 22 1.28 -5.29 2.17
CA LEU A 22 0.54 -6.47 2.62
C LEU A 22 1.24 -7.76 2.22
N LEU A 23 1.46 -7.94 0.92
CA LEU A 23 2.11 -9.15 0.42
C LEU A 23 3.48 -9.35 1.05
N LEU A 24 4.14 -8.26 1.43
CA LEU A 24 5.46 -8.35 2.06
C LEU A 24 5.34 -9.04 3.41
N ILE A 25 4.56 -8.44 4.31
CA ILE A 25 4.35 -9.01 5.63
C ILE A 25 3.73 -10.39 5.50
N TRP A 26 3.05 -10.61 4.39
CA TRP A 26 2.40 -11.87 4.11
C TRP A 26 3.43 -12.96 3.85
N LYS A 27 4.50 -12.61 3.14
CA LYS A 27 5.55 -13.56 2.83
C LYS A 27 6.20 -14.08 4.11
N LEU A 28 6.23 -13.24 5.14
CA LEU A 28 6.80 -13.61 6.43
C LEU A 28 6.18 -14.90 6.95
N LEU A 29 4.98 -15.21 6.47
CA LEU A 29 4.27 -16.41 6.90
C LEU A 29 4.73 -17.64 6.10
N MET A 30 4.63 -17.55 4.78
CA MET A 30 5.02 -18.65 3.90
C MET A 30 6.49 -19.02 4.10
N ILE A 31 7.31 -18.05 4.47
CA ILE A 31 8.73 -18.28 4.69
C ILE A 31 8.94 -19.23 5.86
N ILE A 32 7.95 -19.28 6.75
CA ILE A 32 8.02 -20.15 7.93
C ILE A 32 7.74 -21.60 7.56
N HIS A 33 6.71 -21.80 6.73
CA HIS A 33 6.34 -23.15 6.30
C HIS A 33 7.16 -23.58 5.08
N ASP A 34 8.15 -22.78 4.74
CA ASP A 34 9.01 -23.07 3.59
C ASP A 34 10.27 -23.80 4.04
N ARG A 35 10.67 -23.56 5.28
CA ARG A 35 11.87 -24.20 5.83
C ARG A 35 11.54 -25.56 6.43
N ARG A 36 10.29 -25.98 6.26
CA ARG A 36 9.85 -27.27 6.77
C ARG A 36 10.47 -28.42 6.00
N GLY A 1 -12.04 -2.56 -21.77
CA GLY A 1 -12.17 -1.68 -20.58
C GLY A 1 -12.81 -0.35 -20.91
N PRO A 2 -14.14 -0.34 -21.20
CA PRO A 2 -14.87 0.87 -21.53
C PRO A 2 -15.40 1.60 -20.29
N ASP A 3 -15.10 2.90 -20.20
CA ASP A 3 -15.55 3.73 -19.09
C ASP A 3 -15.14 3.14 -17.74
N ILE A 4 -14.05 2.37 -17.73
CA ILE A 4 -13.56 1.76 -16.50
C ILE A 4 -12.09 2.10 -16.28
N ILE A 5 -11.49 2.74 -17.28
CA ILE A 5 -10.09 3.13 -17.21
C ILE A 5 -9.78 3.97 -15.96
N PRO A 6 -10.59 5.01 -15.67
CA PRO A 6 -10.36 5.87 -14.51
C PRO A 6 -10.43 5.08 -13.19
N ILE A 7 -11.05 3.92 -13.22
CA ILE A 7 -11.18 3.07 -12.04
C ILE A 7 -9.97 2.16 -11.88
N VAL A 8 -9.60 1.46 -12.94
CA VAL A 8 -8.45 0.56 -12.90
C VAL A 8 -7.17 1.34 -12.74
N ALA A 9 -7.14 2.55 -13.26
CA ALA A 9 -5.96 3.40 -13.16
C ALA A 9 -5.94 4.13 -11.82
N GLY A 10 -7.14 4.37 -11.27
CA GLY A 10 -7.25 5.07 -10.00
C GLY A 10 -7.12 4.16 -8.80
N VAL A 11 -8.04 3.19 -8.69
CA VAL A 11 -8.03 2.23 -7.59
C VAL A 11 -6.69 1.52 -7.47
N VAL A 12 -6.25 0.91 -8.57
CA VAL A 12 -5.00 0.17 -8.59
C VAL A 12 -3.85 1.01 -8.00
N ALA A 13 -3.94 2.33 -8.16
CA ALA A 13 -2.92 3.23 -7.66
C ALA A 13 -3.07 3.46 -6.16
N GLY A 14 -4.32 3.70 -5.74
CA GLY A 14 -4.59 3.93 -4.33
C GLY A 14 -4.22 2.74 -3.46
N ILE A 15 -4.24 1.54 -4.06
CA ILE A 15 -3.90 0.32 -3.33
C ILE A 15 -2.39 0.21 -3.12
N VAL A 16 -1.63 0.65 -4.11
CA VAL A 16 -0.17 0.59 -4.04
C VAL A 16 0.35 1.59 -3.01
N LEU A 17 -0.42 2.65 -2.78
CA LEU A 17 -0.03 3.67 -1.81
C LEU A 17 -0.34 3.21 -0.39
N ILE A 18 -1.55 2.69 -0.19
CA ILE A 18 -1.95 2.21 1.13
C ILE A 18 -1.03 1.07 1.58
N GLY A 19 -0.64 0.23 0.65
CA GLY A 19 0.24 -0.88 0.97
C GLY A 19 1.65 -0.41 1.26
N LEU A 20 1.96 0.81 0.83
CA LEU A 20 3.29 1.38 1.05
C LEU A 20 3.34 2.11 2.39
N ALA A 21 2.27 2.81 2.72
CA ALA A 21 2.19 3.54 3.98
C ALA A 21 1.90 2.61 5.14
N LEU A 22 1.34 1.44 4.83
CA LEU A 22 1.01 0.46 5.86
C LEU A 22 2.28 -0.04 6.54
N LEU A 23 3.31 -0.30 5.74
CA LEU A 23 4.59 -0.79 6.26
C LEU A 23 5.22 0.24 7.20
N LEU A 24 5.01 1.53 6.89
CA LEU A 24 5.57 2.60 7.72
C LEU A 24 4.92 2.58 9.09
N ILE A 25 3.60 2.72 9.12
CA ILE A 25 2.85 2.69 10.37
C ILE A 25 3.04 1.36 11.07
N TRP A 26 3.36 0.35 10.27
CA TRP A 26 3.58 -0.99 10.79
C TRP A 26 4.85 -1.02 11.64
N LYS A 27 5.85 -0.24 11.22
CA LYS A 27 7.10 -0.17 11.95
C LYS A 27 6.86 0.39 13.34
N LEU A 28 5.91 1.33 13.43
CA LEU A 28 5.57 1.96 14.70
C LEU A 28 5.10 0.93 15.72
N LEU A 29 4.67 -0.23 15.23
CA LEU A 29 4.20 -1.30 16.10
C LEU A 29 5.36 -2.08 16.70
N MET A 30 6.17 -2.68 15.84
CA MET A 30 7.34 -3.45 16.28
C MET A 30 8.27 -2.60 17.13
N ILE A 31 8.32 -1.31 16.84
CA ILE A 31 9.17 -0.39 17.60
C ILE A 31 8.78 -0.37 19.08
N ILE A 32 7.53 -0.73 19.35
CA ILE A 32 7.02 -0.77 20.71
C ILE A 32 7.55 -1.99 21.47
N HIS A 33 7.60 -3.12 20.79
CA HIS A 33 8.08 -4.36 21.40
C HIS A 33 9.60 -4.34 21.53
N ASP A 34 10.21 -3.26 21.03
CA ASP A 34 11.67 -3.11 21.10
C ASP A 34 12.11 -2.87 22.54
N ARG A 35 11.14 -2.62 23.42
CA ARG A 35 11.43 -2.38 24.83
C ARG A 35 10.27 -2.86 25.69
N ARG A 36 9.95 -4.15 25.59
CA ARG A 36 8.86 -4.73 26.37
C ARG A 36 9.12 -4.60 27.86
N GLY A 1 -13.34 -2.71 -20.80
CA GLY A 1 -14.70 -2.15 -20.76
C GLY A 1 -14.72 -0.64 -20.97
N PRO A 2 -15.92 -0.05 -21.15
CA PRO A 2 -16.06 1.40 -21.37
C PRO A 2 -16.12 2.17 -20.06
N ASP A 3 -15.39 3.28 -20.00
CA ASP A 3 -15.37 4.13 -18.81
C ASP A 3 -14.95 3.34 -17.57
N ILE A 4 -14.03 2.39 -17.75
CA ILE A 4 -13.55 1.57 -16.65
C ILE A 4 -12.08 1.85 -16.37
N ILE A 5 -11.44 2.57 -17.30
CA ILE A 5 -10.03 2.91 -17.17
C ILE A 5 -9.77 3.85 -15.99
N PRO A 6 -10.59 4.91 -15.81
CA PRO A 6 -10.40 5.87 -14.70
C PRO A 6 -10.51 5.21 -13.34
N ILE A 7 -11.23 4.10 -13.28
CA ILE A 7 -11.43 3.37 -12.03
C ILE A 7 -10.21 2.53 -11.69
N VAL A 8 -9.76 1.72 -12.64
CA VAL A 8 -8.59 0.87 -12.44
C VAL A 8 -7.36 1.72 -12.15
N ALA A 9 -7.09 2.67 -13.04
CA ALA A 9 -5.95 3.56 -12.88
C ALA A 9 -5.96 4.28 -11.54
N GLY A 10 -7.15 4.42 -10.95
CA GLY A 10 -7.26 5.09 -9.68
C GLY A 10 -7.01 4.16 -8.50
N VAL A 11 -7.81 3.11 -8.40
CA VAL A 11 -7.68 2.15 -7.32
C VAL A 11 -6.34 1.42 -7.38
N VAL A 12 -6.07 0.76 -8.50
CA VAL A 12 -4.83 0.03 -8.69
C VAL A 12 -3.60 0.87 -8.31
N ALA A 13 -3.73 2.19 -8.47
CA ALA A 13 -2.65 3.10 -8.14
C ALA A 13 -2.58 3.36 -6.64
N GLY A 14 -3.75 3.56 -6.04
CA GLY A 14 -3.81 3.80 -4.61
C GLY A 14 -3.36 2.60 -3.80
N ILE A 15 -3.55 1.40 -4.37
CA ILE A 15 -3.16 0.18 -3.69
C ILE A 15 -1.65 0.13 -3.50
N VAL A 16 -0.92 0.74 -4.43
CA VAL A 16 0.53 0.78 -4.37
C VAL A 16 0.98 1.84 -3.37
N LEU A 17 0.26 2.95 -3.32
CA LEU A 17 0.58 4.03 -2.40
C LEU A 17 0.52 3.55 -0.96
N ILE A 18 -0.50 2.75 -0.66
CA ILE A 18 -0.68 2.20 0.68
C ILE A 18 0.56 1.41 1.10
N GLY A 19 1.05 0.57 0.18
CA GLY A 19 2.23 -0.23 0.47
C GLY A 19 3.44 0.63 0.78
N LEU A 20 3.39 1.88 0.34
CA LEU A 20 4.49 2.81 0.57
C LEU A 20 4.32 3.53 1.91
N ALA A 21 3.07 3.84 2.26
CA ALA A 21 2.76 4.51 3.51
C ALA A 21 3.10 3.63 4.70
N LEU A 22 2.99 2.32 4.52
CA LEU A 22 3.28 1.37 5.58
C LEU A 22 4.74 1.47 6.02
N LEU A 23 5.58 1.91 5.09
CA LEU A 23 7.01 2.08 5.37
C LEU A 23 7.25 3.36 6.15
N LEU A 24 6.37 4.33 5.95
CA LEU A 24 6.48 5.61 6.65
C LEU A 24 6.13 5.43 8.13
N ILE A 25 4.94 4.88 8.39
CA ILE A 25 4.50 4.63 9.75
C ILE A 25 5.47 3.69 10.44
N TRP A 26 6.15 2.89 9.64
CA TRP A 26 7.13 1.94 10.14
C TRP A 26 8.30 2.67 10.78
N LYS A 27 8.69 3.78 10.17
CA LYS A 27 9.79 4.60 10.68
C LYS A 27 9.47 5.08 12.09
N LEU A 28 8.18 5.34 12.33
CA LEU A 28 7.73 5.81 13.64
C LEU A 28 7.93 4.73 14.69
N LEU A 29 7.96 3.48 14.25
CA LEU A 29 8.15 2.34 15.13
C LEU A 29 9.63 2.18 15.47
N MET A 30 10.49 2.38 14.48
CA MET A 30 11.93 2.25 14.66
C MET A 30 12.47 3.37 15.54
N ILE A 31 11.90 4.57 15.38
CA ILE A 31 12.34 5.73 16.17
C ILE A 31 12.20 5.47 17.67
N ILE A 32 11.34 4.51 18.01
CA ILE A 32 11.12 4.16 19.41
C ILE A 32 12.25 3.29 19.95
N HIS A 33 12.82 2.45 19.09
CA HIS A 33 13.89 1.57 19.49
C HIS A 33 15.25 2.25 19.35
N ASP A 34 15.23 3.51 18.93
CA ASP A 34 16.46 4.28 18.76
C ASP A 34 16.49 5.49 19.69
N ARG A 35 15.45 5.62 20.51
CA ARG A 35 15.35 6.73 21.45
C ARG A 35 14.93 6.25 22.84
N ARG A 36 14.94 4.94 23.03
CA ARG A 36 14.56 4.35 24.31
C ARG A 36 15.76 4.26 25.25
N GLY A 1 -15.10 -2.90 -18.93
CA GLY A 1 -14.80 -2.47 -20.33
C GLY A 1 -14.99 -0.98 -20.52
N PRO A 2 -16.25 -0.49 -20.56
CA PRO A 2 -16.55 0.92 -20.75
C PRO A 2 -16.62 1.68 -19.43
N ASP A 3 -16.06 2.89 -19.42
CA ASP A 3 -16.07 3.74 -18.23
C ASP A 3 -15.43 3.01 -17.04
N ILE A 4 -14.32 2.33 -17.29
CA ILE A 4 -13.62 1.60 -16.25
C ILE A 4 -12.15 2.01 -16.20
N ILE A 5 -11.67 2.62 -17.28
CA ILE A 5 -10.29 3.07 -17.38
C ILE A 5 -9.90 3.99 -16.21
N PRO A 6 -10.72 5.01 -15.89
CA PRO A 6 -10.43 5.94 -14.79
C PRO A 6 -10.56 5.27 -13.44
N ILE A 7 -11.13 4.07 -13.43
CA ILE A 7 -11.32 3.32 -12.19
C ILE A 7 -10.10 2.47 -11.87
N VAL A 8 -9.59 1.78 -12.88
CA VAL A 8 -8.42 0.94 -12.70
C VAL A 8 -7.20 1.80 -12.34
N ALA A 9 -6.90 2.77 -13.19
CA ALA A 9 -5.77 3.66 -12.96
C ALA A 9 -5.79 4.27 -11.56
N GLY A 10 -7.00 4.48 -11.03
CA GLY A 10 -7.12 5.07 -9.71
C GLY A 10 -7.01 4.04 -8.60
N VAL A 11 -7.91 3.06 -8.61
CA VAL A 11 -7.91 2.01 -7.59
C VAL A 11 -6.60 1.25 -7.58
N VAL A 12 -6.18 0.76 -8.74
CA VAL A 12 -4.94 0.00 -8.87
C VAL A 12 -3.78 0.73 -8.20
N ALA A 13 -3.88 2.06 -8.15
CA ALA A 13 -2.84 2.88 -7.54
C ALA A 13 -2.98 2.87 -6.02
N GLY A 14 -4.21 3.00 -5.55
CA GLY A 14 -4.46 3.01 -4.12
C GLY A 14 -4.16 1.67 -3.47
N ILE A 15 -4.21 0.61 -4.27
CA ILE A 15 -3.94 -0.73 -3.78
C ILE A 15 -2.47 -0.92 -3.48
N VAL A 16 -1.62 -0.17 -4.17
CA VAL A 16 -0.18 -0.25 -3.98
C VAL A 16 0.24 0.42 -2.68
N LEU A 17 -0.38 1.55 -2.37
CA LEU A 17 -0.08 2.27 -1.14
C LEU A 17 -0.69 1.56 0.07
N ILE A 18 -1.99 1.33 0.01
CA ILE A 18 -2.69 0.65 1.09
C ILE A 18 -2.14 -0.76 1.30
N GLY A 19 -1.68 -1.37 0.21
CA GLY A 19 -1.13 -2.71 0.30
C GLY A 19 0.20 -2.74 1.01
N LEU A 20 0.85 -1.57 1.10
CA LEU A 20 2.14 -1.46 1.78
C LEU A 20 1.95 -1.01 3.22
N ALA A 21 0.97 -0.13 3.44
CA ALA A 21 0.69 0.39 4.77
C ALA A 21 -0.03 -0.65 5.62
N LEU A 22 -0.88 -1.46 4.97
CA LEU A 22 -1.64 -2.49 5.66
C LEU A 22 -0.70 -3.49 6.33
N LEU A 23 0.43 -3.76 5.68
CA LEU A 23 1.41 -4.69 6.23
C LEU A 23 2.03 -4.15 7.51
N LEU A 24 2.02 -2.82 7.63
CA LEU A 24 2.59 -2.16 8.79
C LEU A 24 1.69 -2.39 10.01
N ILE A 25 0.43 -1.96 9.88
CA ILE A 25 -0.55 -2.13 10.95
C ILE A 25 -0.77 -3.61 11.24
N TRP A 26 -0.49 -4.42 10.23
CA TRP A 26 -0.65 -5.86 10.35
C TRP A 26 0.22 -6.42 11.47
N LYS A 27 1.50 -6.04 11.47
CA LYS A 27 2.44 -6.52 12.48
C LYS A 27 1.97 -6.11 13.87
N LEU A 28 1.33 -4.95 13.95
CA LEU A 28 0.83 -4.44 15.23
C LEU A 28 -0.13 -5.44 15.87
N LEU A 29 -0.76 -6.26 15.04
CA LEU A 29 -1.71 -7.26 15.51
C LEU A 29 -0.98 -8.52 15.98
N MET A 30 0.03 -8.93 15.22
CA MET A 30 0.80 -10.13 15.55
C MET A 30 1.66 -9.92 16.79
N ILE A 31 2.03 -8.67 17.04
CA ILE A 31 2.86 -8.32 18.19
C ILE A 31 2.09 -8.51 19.49
N ILE A 32 0.76 -8.51 19.40
CA ILE A 32 -0.09 -8.69 20.56
C ILE A 32 -0.25 -10.15 20.95
N HIS A 33 -0.35 -11.01 19.94
CA HIS A 33 -0.51 -12.45 20.18
C HIS A 33 0.84 -13.13 20.36
N ASP A 34 1.87 -12.31 20.57
CA ASP A 34 3.23 -12.83 20.77
C ASP A 34 3.32 -13.57 22.09
N ARG A 35 2.49 -13.18 23.05
CA ARG A 35 2.48 -13.81 24.37
C ARG A 35 1.26 -14.71 24.53
N ARG A 36 0.52 -14.88 23.45
CA ARG A 36 -0.67 -15.72 23.46
C ARG A 36 -0.30 -17.20 23.48
N GLY A 1 -11.50 -2.42 -21.49
CA GLY A 1 -11.74 -1.32 -20.51
C GLY A 1 -12.88 -0.40 -20.93
N PRO A 2 -14.14 -0.86 -20.81
CA PRO A 2 -15.31 -0.07 -21.19
C PRO A 2 -15.72 0.92 -20.12
N ASP A 3 -15.28 2.18 -20.26
CA ASP A 3 -15.60 3.23 -19.29
C ASP A 3 -15.22 2.81 -17.87
N ILE A 4 -14.14 2.03 -17.76
CA ILE A 4 -13.67 1.57 -16.46
C ILE A 4 -12.20 1.93 -16.26
N ILE A 5 -11.56 2.37 -17.33
CA ILE A 5 -10.15 2.75 -17.29
C ILE A 5 -9.87 3.78 -16.20
N PRO A 6 -10.64 4.89 -16.12
CA PRO A 6 -10.43 5.93 -15.10
C PRO A 6 -10.55 5.38 -13.68
N ILE A 7 -11.27 4.29 -13.52
CA ILE A 7 -11.45 3.69 -12.20
C ILE A 7 -10.22 2.88 -11.80
N VAL A 8 -9.69 2.10 -12.75
CA VAL A 8 -8.50 1.29 -12.49
C VAL A 8 -7.33 2.16 -12.06
N ALA A 9 -7.10 3.25 -12.79
CA ALA A 9 -6.01 4.16 -12.49
C ALA A 9 -6.02 4.59 -11.02
N GLY A 10 -7.21 4.65 -10.43
CA GLY A 10 -7.32 5.04 -9.04
C GLY A 10 -7.11 3.88 -8.08
N VAL A 11 -7.87 2.81 -8.27
CA VAL A 11 -7.77 1.63 -7.42
C VAL A 11 -6.42 0.93 -7.57
N VAL A 12 -6.10 0.53 -8.80
CA VAL A 12 -4.85 -0.17 -9.07
C VAL A 12 -3.65 0.58 -8.50
N ALA A 13 -3.79 1.90 -8.35
CA ALA A 13 -2.72 2.73 -7.80
C ALA A 13 -2.67 2.64 -6.29
N GLY A 14 -3.84 2.74 -5.65
CA GLY A 14 -3.92 2.68 -4.20
C GLY A 14 -3.52 1.31 -3.66
N ILE A 15 -3.55 0.30 -4.52
CA ILE A 15 -3.19 -1.05 -4.11
C ILE A 15 -1.67 -1.22 -4.07
N VAL A 16 -0.98 -0.52 -4.94
CA VAL A 16 0.48 -0.59 -5.00
C VAL A 16 1.11 0.22 -3.88
N LEU A 17 0.39 1.22 -3.39
CA LEU A 17 0.87 2.07 -2.31
C LEU A 17 0.76 1.36 -0.97
N ILE A 18 -0.45 0.90 -0.64
CA ILE A 18 -0.67 0.21 0.63
C ILE A 18 0.22 -1.01 0.75
N GLY A 19 0.31 -1.79 -0.32
CA GLY A 19 1.14 -2.97 -0.31
C GLY A 19 2.62 -2.63 -0.18
N LEU A 20 2.95 -1.38 -0.47
CA LEU A 20 4.32 -0.92 -0.39
C LEU A 20 4.64 -0.40 1.02
N ALA A 21 3.68 0.28 1.63
CA ALA A 21 3.85 0.83 2.97
C ALA A 21 4.17 -0.29 3.97
N LEU A 22 3.54 -1.45 3.78
CA LEU A 22 3.77 -2.58 4.67
C LEU A 22 5.03 -3.36 4.27
N LEU A 23 5.28 -3.42 2.97
CA LEU A 23 6.44 -4.12 2.44
C LEU A 23 7.72 -3.32 2.70
N LEU A 24 7.56 -2.01 2.93
CA LEU A 24 8.70 -1.16 3.20
C LEU A 24 9.18 -1.37 4.63
N ILE A 25 8.29 -1.15 5.60
CA ILE A 25 8.61 -1.35 7.00
C ILE A 25 9.11 -2.77 7.21
N TRP A 26 8.70 -3.63 6.30
CA TRP A 26 9.08 -5.02 6.31
C TRP A 26 10.59 -5.18 6.18
N LYS A 27 11.14 -4.68 5.08
CA LYS A 27 12.56 -4.74 4.83
C LYS A 27 13.35 -3.95 5.85
N LEU A 28 12.81 -2.80 6.25
CA LEU A 28 13.46 -1.93 7.23
C LEU A 28 13.76 -2.70 8.51
N LEU A 29 13.01 -3.78 8.74
CA LEU A 29 13.19 -4.61 9.93
C LEU A 29 14.32 -5.60 9.70
N MET A 30 14.44 -6.10 8.48
CA MET A 30 15.48 -7.06 8.14
C MET A 30 16.85 -6.39 8.07
N ILE A 31 16.87 -5.15 7.59
CA ILE A 31 18.11 -4.39 7.49
C ILE A 31 18.78 -4.23 8.84
N ILE A 32 17.99 -4.36 9.90
CA ILE A 32 18.50 -4.24 11.26
C ILE A 32 19.22 -5.51 11.70
N HIS A 33 18.66 -6.65 11.34
CA HIS A 33 19.25 -7.94 11.70
C HIS A 33 20.30 -8.36 10.68
N ASP A 34 20.47 -7.53 9.65
CA ASP A 34 21.45 -7.81 8.60
C ASP A 34 22.87 -7.62 9.12
N ARG A 35 23.04 -6.68 10.04
CA ARG A 35 24.35 -6.40 10.62
C ARG A 35 24.52 -7.13 11.94
N ARG A 36 23.40 -7.45 12.59
CA ARG A 36 23.43 -8.15 13.87
C ARG A 36 23.64 -9.64 13.66
N GLY A 1 -12.67 0.29 -23.35
CA GLY A 1 -12.77 0.62 -21.91
C GLY A 1 -13.59 1.87 -21.65
N PRO A 2 -14.92 1.80 -21.81
CA PRO A 2 -15.81 2.94 -21.62
C PRO A 2 -16.12 3.19 -20.14
N ASP A 3 -15.61 4.30 -19.61
CA ASP A 3 -15.83 4.69 -18.22
C ASP A 3 -15.43 3.58 -17.24
N ILE A 4 -14.42 2.81 -17.61
CA ILE A 4 -13.94 1.73 -16.74
C ILE A 4 -12.44 1.84 -16.51
N ILE A 5 -11.76 2.58 -17.39
CA ILE A 5 -10.32 2.76 -17.29
C ILE A 5 -9.94 3.66 -16.10
N PRO A 6 -10.57 4.84 -15.94
CA PRO A 6 -10.26 5.75 -14.83
C PRO A 6 -10.37 5.08 -13.46
N ILE A 7 -11.23 4.08 -13.36
CA ILE A 7 -11.43 3.37 -12.11
C ILE A 7 -10.19 2.53 -11.76
N VAL A 8 -9.61 1.89 -12.77
CA VAL A 8 -8.42 1.09 -12.57
C VAL A 8 -7.24 1.95 -12.18
N ALA A 9 -6.99 3.00 -12.97
CA ALA A 9 -5.88 3.91 -12.70
C ALA A 9 -5.94 4.47 -11.28
N GLY A 10 -7.15 4.55 -10.73
CA GLY A 10 -7.31 5.07 -9.37
C GLY A 10 -7.10 4.00 -8.31
N VAL A 11 -7.89 2.93 -8.39
CA VAL A 11 -7.80 1.84 -7.42
C VAL A 11 -6.44 1.15 -7.47
N VAL A 12 -6.08 0.66 -8.66
CA VAL A 12 -4.80 -0.04 -8.84
C VAL A 12 -3.64 0.77 -8.26
N ALA A 13 -3.79 2.10 -8.26
CA ALA A 13 -2.76 2.97 -7.73
C ALA A 13 -2.84 3.05 -6.20
N GLY A 14 -4.06 3.12 -5.68
CA GLY A 14 -4.24 3.20 -4.25
C GLY A 14 -3.80 1.93 -3.55
N ILE A 15 -3.78 0.83 -4.29
CA ILE A 15 -3.37 -0.46 -3.74
C ILE A 15 -1.85 -0.53 -3.61
N VAL A 16 -1.17 0.14 -4.53
CA VAL A 16 0.29 0.18 -4.53
C VAL A 16 0.80 1.22 -3.54
N LEU A 17 -0.03 2.22 -3.26
CA LEU A 17 0.33 3.28 -2.34
C LEU A 17 0.53 2.72 -0.94
N ILE A 18 -0.28 1.73 -0.58
CA ILE A 18 -0.18 1.11 0.74
C ILE A 18 1.19 0.49 0.95
N GLY A 19 1.63 -0.31 -0.03
CA GLY A 19 2.93 -0.95 0.06
C GLY A 19 4.06 0.06 0.07
N LEU A 20 3.76 1.28 -0.38
CA LEU A 20 4.74 2.35 -0.43
C LEU A 20 4.75 3.12 0.88
N ALA A 21 3.60 3.21 1.52
CA ALA A 21 3.47 3.91 2.79
C ALA A 21 4.38 3.29 3.84
N LEU A 22 4.43 1.95 3.86
CA LEU A 22 5.27 1.24 4.81
C LEU A 22 6.74 1.35 4.42
N LEU A 23 6.98 1.62 3.14
CA LEU A 23 8.34 1.76 2.62
C LEU A 23 8.85 3.18 2.83
N LEU A 24 7.92 4.12 3.00
CA LEU A 24 8.29 5.51 3.21
C LEU A 24 8.77 5.71 4.64
N ILE A 25 7.92 5.37 5.61
CA ILE A 25 8.27 5.48 7.02
C ILE A 25 9.53 4.68 7.29
N TRP A 26 9.74 3.69 6.44
CA TRP A 26 10.90 2.82 6.52
C TRP A 26 12.20 3.63 6.41
N LYS A 27 12.31 4.39 5.33
CA LYS A 27 13.49 5.22 5.10
C LYS A 27 13.67 6.25 6.22
N LEU A 28 12.56 6.66 6.81
CA LEU A 28 12.59 7.65 7.89
C LEU A 28 13.30 7.09 9.13
N LEU A 29 13.15 5.79 9.34
CA LEU A 29 13.77 5.13 10.48
C LEU A 29 15.21 4.74 10.17
N MET A 30 15.44 4.30 8.94
CA MET A 30 16.78 3.88 8.51
C MET A 30 17.74 5.06 8.42
N ILE A 31 17.23 6.22 8.00
CA ILE A 31 18.05 7.42 7.87
C ILE A 31 18.61 7.83 9.23
N ILE A 32 17.98 7.37 10.29
CA ILE A 32 18.40 7.70 11.65
C ILE A 32 19.64 6.91 12.05
N HIS A 33 19.59 5.60 11.84
CA HIS A 33 20.72 4.72 12.18
C HIS A 33 21.80 4.76 11.10
N ASP A 34 21.48 5.44 10.00
CA ASP A 34 22.42 5.55 8.89
C ASP A 34 23.59 6.46 9.25
N ARG A 35 23.35 7.37 10.20
CA ARG A 35 24.38 8.30 10.63
C ARG A 35 25.46 7.59 11.43
N ARG A 36 25.07 6.49 12.08
CA ARG A 36 26.00 5.70 12.88
C ARG A 36 27.04 5.02 12.00
N GLY A 1 -13.98 -3.81 -21.21
CA GLY A 1 -13.93 -2.90 -20.03
C GLY A 1 -14.27 -1.47 -20.39
N PRO A 2 -15.56 -1.14 -20.56
CA PRO A 2 -16.00 0.21 -20.90
C PRO A 2 -16.13 1.10 -19.67
N ASP A 3 -15.57 2.31 -19.76
CA ASP A 3 -15.63 3.27 -18.66
C ASP A 3 -15.08 2.67 -17.37
N ILE A 4 -13.96 1.95 -17.49
CA ILE A 4 -13.32 1.32 -16.34
C ILE A 4 -11.88 1.79 -16.20
N ILE A 5 -11.36 2.39 -17.27
CA ILE A 5 -9.99 2.90 -17.28
C ILE A 5 -9.76 3.98 -16.22
N PRO A 6 -10.70 4.95 -16.07
CA PRO A 6 -10.55 6.03 -15.08
C PRO A 6 -10.65 5.51 -13.65
N ILE A 7 -11.25 4.34 -13.49
CA ILE A 7 -11.43 3.74 -12.17
C ILE A 7 -10.21 2.92 -11.77
N VAL A 8 -9.76 2.05 -12.66
CA VAL A 8 -8.60 1.21 -12.41
C VAL A 8 -7.38 2.06 -12.12
N ALA A 9 -7.19 3.12 -12.89
CA ALA A 9 -6.05 4.02 -12.71
C ALA A 9 -5.95 4.48 -11.26
N GLY A 10 -7.09 4.65 -10.61
CA GLY A 10 -7.10 5.08 -9.22
C GLY A 10 -6.95 3.92 -8.25
N VAL A 11 -7.83 2.95 -8.35
CA VAL A 11 -7.81 1.78 -7.47
C VAL A 11 -6.49 1.02 -7.58
N VAL A 12 -6.16 0.59 -8.79
CA VAL A 12 -4.92 -0.15 -9.04
C VAL A 12 -3.72 0.52 -8.38
N ALA A 13 -3.79 1.84 -8.24
CA ALA A 13 -2.70 2.60 -7.62
C ALA A 13 -2.70 2.41 -6.11
N GLY A 14 -3.87 2.59 -5.50
CA GLY A 14 -3.99 2.42 -4.06
C GLY A 14 -3.67 1.01 -3.61
N ILE A 15 -3.86 0.05 -4.51
CA ILE A 15 -3.59 -1.35 -4.20
C ILE A 15 -2.09 -1.59 -4.06
N VAL A 16 -1.30 -0.90 -4.88
CA VAL A 16 0.15 -1.04 -4.84
C VAL A 16 0.70 -0.45 -3.55
N LEU A 17 0.05 0.59 -3.05
CA LEU A 17 0.47 1.25 -1.82
C LEU A 17 0.15 0.38 -0.62
N ILE A 18 -1.08 -0.12 -0.55
CA ILE A 18 -1.50 -0.97 0.55
C ILE A 18 -0.64 -2.22 0.63
N GLY A 19 -0.41 -2.84 -0.53
CA GLY A 19 0.40 -4.04 -0.57
C GLY A 19 1.84 -3.76 -0.18
N LEU A 20 2.23 -2.48 -0.25
CA LEU A 20 3.57 -2.07 0.12
C LEU A 20 3.65 -1.82 1.62
N ALA A 21 2.63 -1.18 2.17
CA ALA A 21 2.58 -0.88 3.59
C ALA A 21 2.41 -2.16 4.40
N LEU A 22 1.99 -3.23 3.73
CA LEU A 22 1.78 -4.51 4.38
C LEU A 22 3.04 -4.96 5.11
N LEU A 23 4.20 -4.61 4.56
CA LEU A 23 5.47 -4.99 5.17
C LEU A 23 5.77 -4.11 6.38
N LEU A 24 5.31 -2.86 6.32
CA LEU A 24 5.53 -1.92 7.42
C LEU A 24 4.77 -2.38 8.66
N ILE A 25 3.46 -2.57 8.50
CA ILE A 25 2.62 -3.04 9.60
C ILE A 25 3.12 -4.40 10.08
N TRP A 26 3.82 -5.08 9.19
CA TRP A 26 4.37 -6.39 9.48
C TRP A 26 5.70 -6.26 10.25
N LYS A 27 6.43 -5.19 9.96
CA LYS A 27 7.71 -4.94 10.61
C LYS A 27 7.51 -4.62 12.09
N LEU A 28 6.43 -3.90 12.39
CA LEU A 28 6.13 -3.51 13.77
C LEU A 28 5.47 -4.66 14.52
N LEU A 29 4.93 -5.62 13.77
CA LEU A 29 4.26 -6.77 14.37
C LEU A 29 5.26 -7.86 14.77
N MET A 30 6.17 -8.18 13.84
CA MET A 30 7.17 -9.22 14.09
C MET A 30 8.27 -8.75 15.06
N ILE A 31 8.56 -7.46 15.04
CA ILE A 31 9.59 -6.90 15.91
C ILE A 31 9.32 -7.22 17.38
N ILE A 32 8.06 -7.53 17.68
CA ILE A 32 7.66 -7.85 19.05
C ILE A 32 7.92 -9.32 19.37
N HIS A 33 7.73 -10.18 18.38
CA HIS A 33 7.95 -11.62 18.57
C HIS A 33 9.39 -12.00 18.29
N ASP A 34 10.27 -11.00 18.26
CA ASP A 34 11.69 -11.22 18.00
C ASP A 34 12.31 -12.10 19.09
N ARG A 35 11.70 -12.11 20.27
CA ARG A 35 12.20 -12.91 21.38
C ARG A 35 11.42 -14.20 21.54
N ARG A 36 10.19 -14.09 22.04
CA ARG A 36 9.34 -15.25 22.25
C ARG A 36 10.01 -16.28 23.17
N GLY A 1 -12.98 -0.07 -23.46
CA GLY A 1 -13.00 0.06 -21.97
C GLY A 1 -13.71 1.32 -21.51
N PRO A 2 -15.05 1.29 -21.40
CA PRO A 2 -15.84 2.44 -20.96
C PRO A 2 -15.94 2.56 -19.44
N ASP A 3 -15.74 3.77 -18.93
CA ASP A 3 -15.80 4.05 -17.49
C ASP A 3 -15.16 2.93 -16.67
N ILE A 4 -14.07 2.38 -17.18
CA ILE A 4 -13.37 1.30 -16.47
C ILE A 4 -11.89 1.64 -16.31
N ILE A 5 -11.36 2.42 -17.25
CA ILE A 5 -9.96 2.81 -17.22
C ILE A 5 -9.64 3.69 -16.01
N PRO A 6 -10.46 4.73 -15.74
CA PRO A 6 -10.22 5.63 -14.60
C PRO A 6 -10.43 4.91 -13.26
N ILE A 7 -11.04 3.73 -13.32
CA ILE A 7 -11.30 2.95 -12.11
C ILE A 7 -10.10 2.06 -11.79
N VAL A 8 -9.60 1.35 -12.80
CA VAL A 8 -8.46 0.47 -12.62
C VAL A 8 -7.18 1.27 -12.42
N ALA A 9 -7.11 2.43 -13.05
CA ALA A 9 -5.94 3.30 -12.93
C ALA A 9 -5.99 4.12 -11.66
N GLY A 10 -7.20 4.32 -11.13
CA GLY A 10 -7.36 5.09 -9.92
C GLY A 10 -7.15 4.26 -8.66
N VAL A 11 -7.94 3.20 -8.52
CA VAL A 11 -7.84 2.32 -7.36
C VAL A 11 -6.48 1.64 -7.29
N VAL A 12 -6.18 0.83 -8.31
CA VAL A 12 -4.91 0.10 -8.36
C VAL A 12 -3.73 1.01 -8.04
N ALA A 13 -3.81 2.28 -8.44
CA ALA A 13 -2.73 3.23 -8.19
C ALA A 13 -2.47 3.36 -6.69
N GLY A 14 -3.50 3.75 -5.94
CA GLY A 14 -3.36 3.90 -4.51
C GLY A 14 -2.97 2.60 -3.84
N ILE A 15 -3.30 1.49 -4.48
CA ILE A 15 -3.00 0.16 -3.94
C ILE A 15 -1.50 -0.13 -4.06
N VAL A 16 -0.88 0.40 -5.10
CA VAL A 16 0.55 0.19 -5.32
C VAL A 16 1.37 1.04 -4.34
N LEU A 17 1.00 2.30 -4.21
CA LEU A 17 1.70 3.22 -3.31
C LEU A 17 1.77 2.66 -1.89
N ILE A 18 0.62 2.25 -1.37
CA ILE A 18 0.56 1.71 -0.01
C ILE A 18 1.49 0.50 0.13
N GLY A 19 1.37 -0.45 -0.80
CA GLY A 19 2.20 -1.64 -0.75
C GLY A 19 3.68 -1.30 -0.88
N LEU A 20 3.97 -0.10 -1.38
CA LEU A 20 5.35 0.34 -1.55
C LEU A 20 5.83 1.07 -0.31
N ALA A 21 4.93 1.83 0.32
CA ALA A 21 5.26 2.57 1.52
C ALA A 21 5.74 1.65 2.64
N LEU A 22 5.13 0.47 2.73
CA LEU A 22 5.50 -0.50 3.75
C LEU A 22 6.94 -0.98 3.55
N LEU A 23 7.36 -1.05 2.29
CA LEU A 23 8.71 -1.49 1.96
C LEU A 23 9.70 -0.33 2.08
N LEU A 24 9.20 0.88 1.92
CA LEU A 24 10.04 2.07 2.02
C LEU A 24 10.51 2.27 3.46
N ILE A 25 9.54 2.40 4.37
CA ILE A 25 9.85 2.58 5.79
C ILE A 25 10.60 1.37 6.31
N TRP A 26 10.41 0.24 5.65
CA TRP A 26 11.08 -0.99 6.02
C TRP A 26 12.59 -0.85 5.89
N LYS A 27 13.02 -0.34 4.74
CA LYS A 27 14.44 -0.16 4.48
C LYS A 27 15.06 0.77 5.52
N LEU A 28 14.29 1.77 5.93
CA LEU A 28 14.75 2.74 6.92
C LEU A 28 15.19 2.04 8.20
N LEU A 29 14.71 0.81 8.39
CA LEU A 29 15.06 0.03 9.57
C LEU A 29 16.40 -0.68 9.40
N MET A 30 16.54 -1.41 8.30
CA MET A 30 17.77 -2.15 8.03
C MET A 30 18.95 -1.22 7.72
N ILE A 31 18.64 0.00 7.27
CA ILE A 31 19.67 0.97 6.93
C ILE A 31 20.40 1.45 8.19
N ILE A 32 19.73 1.34 9.33
CA ILE A 32 20.31 1.77 10.59
C ILE A 32 21.22 0.69 11.19
N HIS A 33 20.88 -0.57 10.94
CA HIS A 33 21.67 -1.68 11.45
C HIS A 33 22.82 -2.02 10.51
N ASP A 34 23.12 -1.11 9.59
CA ASP A 34 24.20 -1.31 8.63
C ASP A 34 25.46 -0.57 9.09
N ARG A 35 25.26 0.49 9.87
CA ARG A 35 26.38 1.28 10.38
C ARG A 35 26.93 0.69 11.67
N ARG A 36 26.32 -0.42 12.10
CA ARG A 36 26.75 -1.09 13.32
C ARG A 36 28.04 -1.88 13.10
N GLY A 1 -14.01 -2.94 -19.40
CA GLY A 1 -14.93 -2.53 -20.50
C GLY A 1 -14.96 -1.02 -20.69
N PRO A 2 -16.16 -0.41 -20.79
CA PRO A 2 -16.30 1.02 -20.97
C PRO A 2 -16.37 1.78 -19.65
N ASP A 3 -15.80 2.98 -19.63
CA ASP A 3 -15.79 3.81 -18.43
C ASP A 3 -15.21 3.04 -17.24
N ILE A 4 -14.13 2.31 -17.48
CA ILE A 4 -13.48 1.53 -16.43
C ILE A 4 -12.02 1.94 -16.27
N ILE A 5 -11.52 2.66 -17.27
CA ILE A 5 -10.13 3.13 -17.26
C ILE A 5 -9.84 4.04 -16.06
N PRO A 6 -10.70 5.04 -15.77
CA PRO A 6 -10.49 5.95 -14.65
C PRO A 6 -10.64 5.24 -13.30
N ILE A 7 -11.19 4.04 -13.35
CA ILE A 7 -11.40 3.25 -12.14
C ILE A 7 -10.16 2.40 -11.83
N VAL A 8 -9.64 1.70 -12.83
CA VAL A 8 -8.46 0.88 -12.66
C VAL A 8 -7.25 1.75 -12.36
N ALA A 9 -7.06 2.80 -13.14
CA ALA A 9 -5.92 3.70 -12.96
C ALA A 9 -5.91 4.28 -11.55
N GLY A 10 -7.10 4.49 -10.98
CA GLY A 10 -7.19 5.06 -9.65
C GLY A 10 -7.05 4.01 -8.56
N VAL A 11 -7.95 3.03 -8.57
CA VAL A 11 -7.94 1.95 -7.57
C VAL A 11 -6.60 1.22 -7.56
N VAL A 12 -6.17 0.75 -8.73
CA VAL A 12 -4.91 0.02 -8.85
C VAL A 12 -3.76 0.78 -8.18
N ALA A 13 -3.84 2.11 -8.19
CA ALA A 13 -2.80 2.95 -7.60
C ALA A 13 -2.89 2.93 -6.08
N GLY A 14 -4.12 3.04 -5.56
CA GLY A 14 -4.31 3.04 -4.12
C GLY A 14 -3.98 1.71 -3.49
N ILE A 15 -4.14 0.63 -4.26
CA ILE A 15 -3.85 -0.71 -3.77
C ILE A 15 -2.35 -0.92 -3.61
N VAL A 16 -1.56 -0.27 -4.45
CA VAL A 16 -0.11 -0.38 -4.39
C VAL A 16 0.43 0.26 -3.12
N LEU A 17 0.14 1.55 -2.94
CA LEU A 17 0.60 2.28 -1.76
C LEU A 17 0.10 1.64 -0.48
N ILE A 18 -1.21 1.51 -0.36
CA ILE A 18 -1.82 0.90 0.82
C ILE A 18 -1.30 -0.51 1.04
N GLY A 19 -1.15 -1.26 -0.05
CA GLY A 19 -0.66 -2.62 0.06
C GLY A 19 0.78 -2.67 0.54
N LEU A 20 1.48 -1.55 0.42
CA LEU A 20 2.87 -1.45 0.84
C LEU A 20 2.97 -0.91 2.26
N ALA A 21 2.07 0.01 2.59
CA ALA A 21 2.06 0.62 3.92
C ALA A 21 1.51 -0.35 4.97
N LEU A 22 0.52 -1.16 4.58
CA LEU A 22 -0.07 -2.12 5.50
C LEU A 22 0.97 -3.07 6.07
N LEU A 23 1.99 -3.37 5.26
CA LEU A 23 3.05 -4.28 5.69
C LEU A 23 4.14 -3.52 6.44
N LEU A 24 4.25 -2.22 6.16
CA LEU A 24 5.25 -1.39 6.82
C LEU A 24 4.84 -1.12 8.26
N ILE A 25 3.67 -0.51 8.44
CA ILE A 25 3.16 -0.22 9.78
C ILE A 25 3.02 -1.52 10.56
N TRP A 26 2.86 -2.61 9.83
CA TRP A 26 2.72 -3.92 10.45
C TRP A 26 3.92 -4.24 11.33
N LYS A 27 5.12 -4.12 10.76
CA LYS A 27 6.35 -4.38 11.50
C LYS A 27 6.45 -3.45 12.69
N LEU A 28 6.01 -2.20 12.50
CA LEU A 28 6.05 -1.21 13.56
C LEU A 28 5.37 -1.73 14.83
N LEU A 29 4.38 -2.59 14.65
CA LEU A 29 3.65 -3.16 15.78
C LEU A 29 4.40 -4.37 16.36
N MET A 30 4.85 -5.25 15.48
CA MET A 30 5.57 -6.46 15.91
C MET A 30 6.88 -6.09 16.58
N ILE A 31 7.42 -4.92 16.25
CA ILE A 31 8.68 -4.47 16.82
C ILE A 31 8.49 -4.05 18.28
N ILE A 32 7.26 -3.75 18.64
CA ILE A 32 6.94 -3.34 20.00
C ILE A 32 6.83 -4.55 20.94
N HIS A 33 6.50 -5.70 20.35
CA HIS A 33 6.35 -6.93 21.14
C HIS A 33 7.70 -7.63 21.30
N ASP A 34 8.71 -7.14 20.60
CA ASP A 34 10.05 -7.72 20.67
C ASP A 34 10.79 -7.19 21.90
N ARG A 35 10.14 -6.30 22.63
CA ARG A 35 10.73 -5.71 23.82
C ARG A 35 9.89 -6.03 25.06
N ARG A 36 8.64 -5.58 25.05
CA ARG A 36 7.72 -5.83 26.17
C ARG A 36 8.31 -5.34 27.49
N GLY A 1 -15.58 -2.57 -19.31
CA GLY A 1 -15.01 -2.15 -20.62
C GLY A 1 -14.98 -0.64 -20.80
N PRO A 2 -16.15 0.00 -20.95
CA PRO A 2 -16.25 1.45 -21.12
C PRO A 2 -16.34 2.19 -19.79
N ASP A 3 -15.69 3.35 -19.73
CA ASP A 3 -15.70 4.18 -18.52
C ASP A 3 -15.15 3.41 -17.31
N ILE A 4 -14.28 2.44 -17.58
CA ILE A 4 -13.69 1.64 -16.50
C ILE A 4 -12.20 1.94 -16.37
N ILE A 5 -11.66 2.62 -17.37
CA ILE A 5 -10.23 2.96 -17.38
C ILE A 5 -9.86 3.86 -16.19
N PRO A 6 -10.64 4.91 -15.89
CA PRO A 6 -10.35 5.81 -14.76
C PRO A 6 -10.53 5.12 -13.42
N ILE A 7 -11.14 3.93 -13.45
CA ILE A 7 -11.37 3.18 -12.23
C ILE A 7 -10.14 2.34 -11.88
N VAL A 8 -9.51 1.77 -12.89
CA VAL A 8 -8.32 0.97 -12.68
C VAL A 8 -7.16 1.84 -12.24
N ALA A 9 -6.82 2.84 -13.05
CA ALA A 9 -5.73 3.76 -12.74
C ALA A 9 -5.91 4.37 -11.35
N GLY A 10 -7.15 4.51 -10.91
CA GLY A 10 -7.42 5.08 -9.61
C GLY A 10 -7.25 4.07 -8.49
N VAL A 11 -8.04 3.00 -8.54
CA VAL A 11 -7.96 1.95 -7.53
C VAL A 11 -6.60 1.28 -7.52
N VAL A 12 -6.19 0.74 -8.68
CA VAL A 12 -4.91 0.06 -8.79
C VAL A 12 -3.78 0.90 -8.18
N ALA A 13 -3.89 2.22 -8.30
CA ALA A 13 -2.89 3.12 -7.76
C ALA A 13 -2.68 2.87 -6.26
N GLY A 14 -3.76 3.01 -5.50
CA GLY A 14 -3.68 2.78 -4.06
C GLY A 14 -3.27 1.35 -3.75
N ILE A 15 -3.65 0.44 -4.64
CA ILE A 15 -3.32 -0.97 -4.47
C ILE A 15 -1.82 -1.21 -4.63
N VAL A 16 -1.19 -0.39 -5.47
CA VAL A 16 0.24 -0.50 -5.71
C VAL A 16 1.02 -0.10 -4.47
N LEU A 17 0.52 0.89 -3.76
CA LEU A 17 1.16 1.38 -2.55
C LEU A 17 1.04 0.34 -1.43
N ILE A 18 -0.13 -0.29 -1.33
CA ILE A 18 -0.38 -1.31 -0.33
C ILE A 18 0.60 -2.47 -0.48
N GLY A 19 0.82 -2.89 -1.72
CA GLY A 19 1.73 -3.98 -1.99
C GLY A 19 3.17 -3.61 -1.68
N LEU A 20 3.43 -2.32 -1.60
CA LEU A 20 4.78 -1.83 -1.32
C LEU A 20 5.01 -1.71 0.19
N ALA A 21 3.97 -1.31 0.91
CA ALA A 21 4.05 -1.16 2.35
C ALA A 21 4.09 -2.51 3.05
N LEU A 22 3.44 -3.50 2.45
CA LEU A 22 3.40 -4.85 3.02
C LEU A 22 4.78 -5.50 2.93
N LEU A 23 5.44 -5.30 1.80
CA LEU A 23 6.78 -5.87 1.60
C LEU A 23 7.84 -5.05 2.30
N LEU A 24 7.53 -3.79 2.57
CA LEU A 24 8.46 -2.89 3.25
C LEU A 24 8.59 -3.28 4.71
N ILE A 25 7.47 -3.24 5.43
CA ILE A 25 7.44 -3.62 6.83
C ILE A 25 7.92 -5.04 7.02
N TRP A 26 7.80 -5.82 5.95
CA TRP A 26 8.23 -7.22 5.97
C TRP A 26 9.70 -7.31 6.33
N LYS A 27 10.52 -6.51 5.66
CA LYS A 27 11.95 -6.50 5.91
C LYS A 27 12.23 -6.12 7.36
N LEU A 28 11.43 -5.20 7.89
CA LEU A 28 11.58 -4.74 9.26
C LEU A 28 11.49 -5.91 10.24
N LEU A 29 10.92 -7.02 9.79
CA LEU A 29 10.77 -8.20 10.63
C LEU A 29 12.04 -9.05 10.63
N MET A 30 12.50 -9.44 9.44
CA MET A 30 13.69 -10.26 9.31
C MET A 30 14.94 -9.53 9.83
N ILE A 31 14.95 -8.21 9.70
CA ILE A 31 16.08 -7.40 10.15
C ILE A 31 16.29 -7.55 11.65
N ILE A 32 15.24 -7.94 12.37
CA ILE A 32 15.31 -8.12 13.81
C ILE A 32 16.09 -9.38 14.17
N HIS A 33 15.73 -10.49 13.55
CA HIS A 33 16.38 -11.78 13.81
C HIS A 33 17.72 -11.85 13.08
N ASP A 34 18.06 -10.78 12.37
CA ASP A 34 19.32 -10.73 11.62
C ASP A 34 20.51 -10.65 12.55
N ARG A 35 20.30 -10.06 13.73
CA ARG A 35 21.37 -9.90 14.71
C ARG A 35 21.55 -11.19 15.52
N ARG A 36 20.43 -11.75 15.98
CA ARG A 36 20.46 -12.97 16.77
C ARG A 36 20.10 -14.18 15.91
N GLY A 1 -14.31 -0.51 -23.25
CA GLY A 1 -14.19 -0.13 -21.82
C GLY A 1 -14.43 1.35 -21.58
N PRO A 2 -15.70 1.80 -21.63
CA PRO A 2 -16.05 3.20 -21.42
C PRO A 2 -16.25 3.55 -19.93
N ASP A 3 -15.59 4.63 -19.50
CA ASP A 3 -15.69 5.08 -18.12
C ASP A 3 -15.34 3.97 -17.12
N ILE A 4 -14.36 3.14 -17.48
CA ILE A 4 -13.93 2.05 -16.61
C ILE A 4 -12.42 2.12 -16.36
N ILE A 5 -11.70 2.69 -17.32
CA ILE A 5 -10.24 2.82 -17.21
C ILE A 5 -9.85 3.60 -15.96
N PRO A 6 -10.48 4.78 -15.70
CA PRO A 6 -10.15 5.60 -14.52
C PRO A 6 -10.26 4.82 -13.22
N ILE A 7 -11.11 3.80 -13.21
CA ILE A 7 -11.30 2.97 -12.02
C ILE A 7 -10.06 2.14 -11.72
N VAL A 8 -9.54 1.46 -12.73
CA VAL A 8 -8.35 0.64 -12.56
C VAL A 8 -7.15 1.53 -12.25
N ALA A 9 -6.87 2.47 -13.15
CA ALA A 9 -5.75 3.39 -12.99
C ALA A 9 -5.85 4.17 -11.67
N GLY A 10 -7.08 4.36 -11.19
CA GLY A 10 -7.27 5.09 -9.96
C GLY A 10 -7.10 4.23 -8.72
N VAL A 11 -7.92 3.19 -8.61
CA VAL A 11 -7.85 2.28 -7.48
C VAL A 11 -6.49 1.60 -7.40
N VAL A 12 -6.08 0.98 -8.49
CA VAL A 12 -4.80 0.28 -8.54
C VAL A 12 -3.65 1.20 -8.10
N ALA A 13 -3.87 2.50 -8.23
CA ALA A 13 -2.87 3.49 -7.84
C ALA A 13 -2.91 3.76 -6.34
N GLY A 14 -4.11 3.98 -5.82
CA GLY A 14 -4.27 4.25 -4.39
C GLY A 14 -3.80 3.09 -3.54
N ILE A 15 -3.74 1.91 -4.14
CA ILE A 15 -3.29 0.72 -3.42
C ILE A 15 -1.77 0.66 -3.35
N VAL A 16 -1.11 1.25 -4.34
CA VAL A 16 0.35 1.28 -4.38
C VAL A 16 0.90 2.34 -3.43
N LEU A 17 0.12 3.38 -3.20
CA LEU A 17 0.52 4.46 -2.30
C LEU A 17 0.46 4.02 -0.85
N ILE A 18 -0.68 3.46 -0.45
CA ILE A 18 -0.87 2.99 0.92
C ILE A 18 0.21 1.98 1.29
N GLY A 19 0.48 1.04 0.40
CA GLY A 19 1.50 0.04 0.66
C GLY A 19 2.86 0.65 0.88
N LEU A 20 3.04 1.87 0.39
CA LEU A 20 4.30 2.58 0.54
C LEU A 20 4.34 3.34 1.86
N ALA A 21 3.20 3.91 2.24
CA ALA A 21 3.08 4.66 3.48
C ALA A 21 3.49 3.81 4.68
N LEU A 22 3.21 2.51 4.60
CA LEU A 22 3.55 1.59 5.68
C LEU A 22 5.04 1.65 6.00
N LEU A 23 5.84 1.88 4.97
CA LEU A 23 7.29 1.96 5.14
C LEU A 23 7.72 3.35 5.57
N LEU A 24 6.89 4.35 5.25
CA LEU A 24 7.19 5.73 5.61
C LEU A 24 7.12 5.92 7.12
N ILE A 25 5.94 5.68 7.69
CA ILE A 25 5.76 5.80 9.14
C ILE A 25 6.72 4.85 9.85
N TRP A 26 7.10 3.81 9.15
CA TRP A 26 8.02 2.82 9.67
C TRP A 26 9.44 3.39 9.73
N LYS A 27 9.78 4.19 8.73
CA LYS A 27 11.11 4.80 8.65
C LYS A 27 11.35 5.69 9.86
N LEU A 28 10.27 6.21 10.45
CA LEU A 28 10.37 7.07 11.63
C LEU A 28 11.26 6.43 12.69
N LEU A 29 11.32 5.11 12.70
CA LEU A 29 12.13 4.36 13.65
C LEU A 29 13.61 4.38 13.25
N MET A 30 13.89 3.91 12.04
CA MET A 30 15.26 3.87 11.54
C MET A 30 15.91 5.26 11.52
N ILE A 31 15.10 6.29 11.35
CA ILE A 31 15.60 7.66 11.32
C ILE A 31 16.22 8.04 12.66
N ILE A 32 15.78 7.37 13.71
CA ILE A 32 16.28 7.63 15.06
C ILE A 32 17.71 7.14 15.23
N HIS A 33 17.92 5.84 15.04
CA HIS A 33 19.24 5.25 15.17
C HIS A 33 20.15 5.66 14.01
N ASP A 34 19.58 6.39 13.07
CA ASP A 34 20.34 6.85 11.90
C ASP A 34 21.39 7.90 12.30
N ARG A 35 21.11 8.61 13.39
CA ARG A 35 22.03 9.65 13.87
C ARG A 35 22.22 9.55 15.38
N ARG A 36 22.35 8.33 15.89
CA ARG A 36 22.54 8.11 17.31
C ARG A 36 23.58 7.02 17.56
N GLY A 1 -14.94 -1.65 -21.74
CA GLY A 1 -16.05 -1.02 -20.96
C GLY A 1 -15.89 0.50 -20.85
N PRO A 2 -17.01 1.23 -20.69
CA PRO A 2 -16.98 2.69 -20.57
C PRO A 2 -16.80 3.15 -19.13
N ASP A 3 -16.02 4.22 -18.94
CA ASP A 3 -15.77 4.77 -17.61
C ASP A 3 -15.21 3.72 -16.66
N ILE A 4 -14.40 2.81 -17.20
CA ILE A 4 -13.80 1.75 -16.39
C ILE A 4 -12.29 1.94 -16.30
N ILE A 5 -11.74 2.68 -17.26
CA ILE A 5 -10.31 2.94 -17.32
C ILE A 5 -9.86 3.79 -16.13
N PRO A 6 -10.57 4.90 -15.81
CA PRO A 6 -10.20 5.77 -14.68
C PRO A 6 -10.38 5.08 -13.34
N ILE A 7 -11.08 3.95 -13.34
CA ILE A 7 -11.32 3.20 -12.13
C ILE A 7 -10.12 2.35 -11.76
N VAL A 8 -9.59 1.63 -12.73
CA VAL A 8 -8.43 0.79 -12.50
C VAL A 8 -7.22 1.66 -12.14
N ALA A 9 -6.86 2.55 -13.05
CA ALA A 9 -5.73 3.46 -12.84
C ALA A 9 -5.86 4.21 -11.52
N GLY A 10 -7.10 4.34 -11.02
CA GLY A 10 -7.34 5.05 -9.78
C GLY A 10 -7.11 4.17 -8.57
N VAL A 11 -7.89 3.10 -8.47
CA VAL A 11 -7.77 2.17 -7.35
C VAL A 11 -6.42 1.46 -7.36
N VAL A 12 -6.08 0.84 -8.50
CA VAL A 12 -4.82 0.13 -8.64
C VAL A 12 -3.64 1.00 -8.20
N ALA A 13 -3.81 2.32 -8.30
CA ALA A 13 -2.76 3.25 -7.91
C ALA A 13 -2.67 3.36 -6.40
N GLY A 14 -3.81 3.64 -5.76
CA GLY A 14 -3.84 3.76 -4.31
C GLY A 14 -3.41 2.49 -3.62
N ILE A 15 -3.55 1.37 -4.31
CA ILE A 15 -3.16 0.08 -3.74
C ILE A 15 -1.65 -0.07 -3.71
N VAL A 16 -0.97 0.47 -4.71
CA VAL A 16 0.48 0.41 -4.78
C VAL A 16 1.11 1.29 -3.72
N LEU A 17 0.59 2.51 -3.58
CA LEU A 17 1.10 3.46 -2.59
C LEU A 17 1.12 2.84 -1.21
N ILE A 18 -0.01 2.26 -0.80
CA ILE A 18 -0.11 1.63 0.52
C ILE A 18 0.90 0.49 0.63
N GLY A 19 1.13 -0.21 -0.48
CA GLY A 19 2.07 -1.31 -0.47
C GLY A 19 3.49 -0.83 -0.23
N LEU A 20 3.71 0.46 -0.46
CA LEU A 20 5.02 1.06 -0.27
C LEU A 20 5.10 1.74 1.10
N ALA A 21 3.97 2.31 1.53
CA ALA A 21 3.91 3.00 2.82
C ALA A 21 3.89 2.00 3.96
N LEU A 22 3.34 0.82 3.71
CA LEU A 22 3.25 -0.23 4.71
C LEU A 22 4.61 -0.47 5.37
N LEU A 23 5.67 -0.38 4.57
CA LEU A 23 7.02 -0.59 5.08
C LEU A 23 7.47 0.59 5.92
N LEU A 24 7.03 1.79 5.55
CA LEU A 24 7.39 2.99 6.30
C LEU A 24 6.73 2.97 7.67
N ILE A 25 5.52 2.43 7.72
CA ILE A 25 4.79 2.31 8.97
C ILE A 25 5.32 1.10 9.73
N TRP A 26 5.88 0.17 8.98
CA TRP A 26 6.44 -1.04 9.53
C TRP A 26 7.64 -0.75 10.42
N LYS A 27 8.62 -0.04 9.86
CA LYS A 27 9.83 0.32 10.61
C LYS A 27 9.50 1.08 11.89
N LEU A 28 8.31 1.68 11.93
CA LEU A 28 7.90 2.46 13.08
C LEU A 28 7.77 1.58 14.33
N LEU A 29 7.33 0.35 14.14
CA LEU A 29 7.15 -0.58 15.26
C LEU A 29 8.44 -1.30 15.65
N MET A 30 9.06 -1.98 14.68
CA MET A 30 10.29 -2.73 14.92
C MET A 30 11.35 -1.88 15.62
N ILE A 31 11.50 -0.64 15.19
CA ILE A 31 12.49 0.25 15.78
C ILE A 31 12.28 0.38 17.29
N ILE A 32 11.04 0.19 17.72
CA ILE A 32 10.70 0.27 19.13
C ILE A 32 11.11 -0.99 19.87
N HIS A 33 11.06 -2.12 19.19
CA HIS A 33 11.43 -3.40 19.79
C HIS A 33 12.92 -3.65 19.67
N ASP A 34 13.67 -2.59 19.36
CA ASP A 34 15.12 -2.69 19.21
C ASP A 34 15.77 -3.04 20.54
N ARG A 35 15.00 -2.93 21.62
CA ARG A 35 15.50 -3.24 22.95
C ARG A 35 15.30 -4.71 23.28
N ARG A 36 14.09 -5.21 23.07
CA ARG A 36 13.78 -6.61 23.35
C ARG A 36 13.72 -7.42 22.06
N GLY A 1 -13.01 -2.75 -21.92
CA GLY A 1 -13.00 -1.98 -20.66
C GLY A 1 -13.61 -0.59 -20.82
N PRO A 2 -14.95 -0.50 -20.92
CA PRO A 2 -15.65 0.78 -21.08
C PRO A 2 -15.94 1.47 -19.75
N ASP A 3 -15.58 2.75 -19.67
CA ASP A 3 -15.79 3.54 -18.46
C ASP A 3 -15.18 2.88 -17.23
N ILE A 4 -14.06 2.20 -17.43
CA ILE A 4 -13.37 1.54 -16.33
C ILE A 4 -11.90 1.96 -16.25
N ILE A 5 -11.45 2.67 -17.29
CA ILE A 5 -10.07 3.14 -17.35
C ILE A 5 -9.71 4.01 -16.14
N PRO A 6 -10.56 5.01 -15.79
CA PRO A 6 -10.28 5.88 -14.65
C PRO A 6 -10.50 5.15 -13.32
N ILE A 7 -11.12 3.98 -13.40
CA ILE A 7 -11.39 3.19 -12.21
C ILE A 7 -10.21 2.27 -11.89
N VAL A 8 -9.63 1.68 -12.92
CA VAL A 8 -8.48 0.80 -12.74
C VAL A 8 -7.23 1.61 -12.43
N ALA A 9 -7.00 2.67 -13.19
CA ALA A 9 -5.84 3.53 -12.98
C ALA A 9 -5.91 4.23 -11.63
N GLY A 10 -7.13 4.43 -11.14
CA GLY A 10 -7.32 5.10 -9.86
C GLY A 10 -7.18 4.15 -8.69
N VAL A 11 -7.98 3.08 -8.71
CA VAL A 11 -7.96 2.08 -7.64
C VAL A 11 -6.63 1.34 -7.58
N VAL A 12 -6.24 0.72 -8.70
CA VAL A 12 -4.99 -0.03 -8.76
C VAL A 12 -3.81 0.80 -8.25
N ALA A 13 -3.91 2.12 -8.41
CA ALA A 13 -2.86 3.01 -7.95
C ALA A 13 -2.92 3.21 -6.44
N GLY A 14 -4.14 3.32 -5.92
CA GLY A 14 -4.32 3.52 -4.49
C GLY A 14 -3.98 2.28 -3.69
N ILE A 15 -4.18 1.11 -4.31
CA ILE A 15 -3.89 -0.15 -3.65
C ILE A 15 -2.40 -0.28 -3.31
N VAL A 16 -1.57 0.29 -4.18
CA VAL A 16 -0.12 0.25 -3.97
C VAL A 16 0.28 1.12 -2.77
N LEU A 17 -0.11 2.38 -2.82
CA LEU A 17 0.21 3.33 -1.76
C LEU A 17 -0.27 2.80 -0.41
N ILE A 18 -1.50 2.32 -0.36
CA ILE A 18 -2.06 1.78 0.88
C ILE A 18 -1.21 0.63 1.40
N GLY A 19 -0.75 -0.24 0.49
CA GLY A 19 0.08 -1.35 0.88
C GLY A 19 1.30 -0.89 1.64
N LEU A 20 1.73 0.34 1.36
CA LEU A 20 2.90 0.93 2.02
C LEU A 20 2.47 1.61 3.31
N ALA A 21 1.29 2.24 3.25
CA ALA A 21 0.73 2.94 4.39
C ALA A 21 0.39 1.97 5.53
N LEU A 22 0.30 0.69 5.19
CA LEU A 22 -0.03 -0.34 6.17
C LEU A 22 0.95 -0.31 7.34
N LEU A 23 2.17 0.14 7.07
CA LEU A 23 3.20 0.22 8.09
C LEU A 23 3.10 1.52 8.87
N LEU A 24 2.66 2.58 8.20
CA LEU A 24 2.51 3.89 8.84
C LEU A 24 1.46 3.81 9.95
N ILE A 25 0.24 3.46 9.56
CA ILE A 25 -0.85 3.32 10.53
C ILE A 25 -0.49 2.29 11.59
N TRP A 26 0.41 1.40 11.22
CA TRP A 26 0.86 0.35 12.12
C TRP A 26 1.71 0.93 13.24
N LYS A 27 2.50 1.95 12.91
CA LYS A 27 3.35 2.60 13.90
C LYS A 27 2.52 3.16 15.03
N LEU A 28 1.31 3.61 14.71
CA LEU A 28 0.42 4.19 15.70
C LEU A 28 0.15 3.21 16.83
N LEU A 29 0.29 1.92 16.54
CA LEU A 29 0.07 0.86 17.53
C LEU A 29 1.33 0.64 18.37
N MET A 30 2.48 0.54 17.70
CA MET A 30 3.75 0.31 18.38
C MET A 30 4.13 1.49 19.29
N ILE A 31 3.92 2.69 18.80
CA ILE A 31 4.25 3.91 19.54
C ILE A 31 3.61 3.88 20.93
N ILE A 32 2.54 3.12 21.07
CA ILE A 32 1.83 3.00 22.33
C ILE A 32 2.62 2.16 23.33
N HIS A 33 3.06 0.99 22.88
CA HIS A 33 3.84 0.09 23.73
C HIS A 33 5.33 0.41 23.66
N ASP A 34 5.66 1.53 23.03
CA ASP A 34 7.05 1.95 22.88
C ASP A 34 7.60 2.50 24.20
N ARG A 35 6.75 3.21 24.94
CA ARG A 35 7.15 3.79 26.22
C ARG A 35 7.40 2.71 27.26
N ARG A 36 6.90 1.51 27.00
CA ARG A 36 7.06 0.39 27.91
C ARG A 36 8.51 -0.10 27.91
N GLY A 1 -11.38 0.97 -22.47
CA GLY A 1 -12.50 0.59 -21.59
C GLY A 1 -13.58 1.67 -21.52
N PRO A 2 -14.86 1.28 -21.31
CA PRO A 2 -15.96 2.23 -21.24
C PRO A 2 -16.22 2.72 -19.82
N ASP A 3 -15.66 3.88 -19.49
CA ASP A 3 -15.84 4.47 -18.16
C ASP A 3 -15.27 3.57 -17.08
N ILE A 4 -14.34 2.70 -17.45
CA ILE A 4 -13.72 1.78 -16.49
C ILE A 4 -12.24 2.10 -16.33
N ILE A 5 -11.66 2.71 -17.35
CA ILE A 5 -10.25 3.08 -17.34
C ILE A 5 -9.91 3.96 -16.14
N PRO A 6 -10.70 5.01 -15.85
CA PRO A 6 -10.45 5.91 -14.72
C PRO A 6 -10.60 5.20 -13.39
N ILE A 7 -11.17 3.99 -13.43
CA ILE A 7 -11.37 3.19 -12.24
C ILE A 7 -10.15 2.34 -11.93
N VAL A 8 -9.65 1.63 -12.94
CA VAL A 8 -8.48 0.79 -12.77
C VAL A 8 -7.23 1.63 -12.46
N ALA A 9 -7.02 2.67 -13.24
CA ALA A 9 -5.87 3.54 -13.04
C ALA A 9 -5.88 4.18 -11.66
N GLY A 10 -7.08 4.41 -11.12
CA GLY A 10 -7.20 5.02 -9.81
C GLY A 10 -7.09 4.01 -8.68
N VAL A 11 -8.00 3.04 -8.66
CA VAL A 11 -8.01 2.02 -7.63
C VAL A 11 -6.70 1.25 -7.56
N VAL A 12 -6.23 0.78 -8.72
CA VAL A 12 -4.97 0.01 -8.78
C VAL A 12 -3.82 0.80 -8.13
N ALA A 13 -3.92 2.12 -8.17
CA ALA A 13 -2.89 2.98 -7.59
C ALA A 13 -3.06 3.11 -6.08
N GLY A 14 -4.31 3.00 -5.63
CA GLY A 14 -4.59 3.12 -4.21
C GLY A 14 -4.40 1.81 -3.46
N ILE A 15 -4.45 0.70 -4.18
CA ILE A 15 -4.29 -0.61 -3.58
C ILE A 15 -2.81 -0.96 -3.40
N VAL A 16 -1.98 -0.43 -4.28
CA VAL A 16 -0.54 -0.68 -4.22
C VAL A 16 0.12 0.18 -3.15
N LEU A 17 -0.45 1.35 -2.89
CA LEU A 17 0.08 2.26 -1.89
C LEU A 17 -0.37 1.86 -0.49
N ILE A 18 -1.69 1.72 -0.31
CA ILE A 18 -2.25 1.34 0.98
C ILE A 18 -1.65 0.03 1.48
N GLY A 19 -1.50 -0.94 0.57
CA GLY A 19 -0.93 -2.22 0.95
C GLY A 19 0.51 -2.11 1.39
N LEU A 20 1.16 -1.01 1.02
CA LEU A 20 2.55 -0.78 1.37
C LEU A 20 2.66 -0.09 2.73
N ALA A 21 1.75 0.85 2.97
CA ALA A 21 1.73 1.60 4.22
C ALA A 21 1.20 0.74 5.37
N LEU A 22 0.53 -0.35 5.01
CA LEU A 22 -0.04 -1.25 6.01
C LEU A 22 1.02 -2.19 6.57
N LEU A 23 1.74 -2.86 5.69
CA LEU A 23 2.78 -3.80 6.11
C LEU A 23 3.87 -3.08 6.90
N LEU A 24 4.08 -1.81 6.58
CA LEU A 24 5.10 -1.01 7.27
C LEU A 24 4.68 -0.76 8.71
N ILE A 25 3.52 -0.10 8.88
CA ILE A 25 3.00 0.21 10.21
C ILE A 25 2.79 -1.09 10.98
N TRP A 26 2.60 -2.17 10.24
CA TRP A 26 2.40 -3.48 10.82
C TRP A 26 3.64 -3.94 11.57
N LYS A 27 4.81 -3.64 11.01
CA LYS A 27 6.07 -4.02 11.63
C LYS A 27 6.19 -3.34 12.98
N LEU A 28 5.69 -2.10 13.06
CA LEU A 28 5.74 -1.34 14.30
C LEU A 28 5.00 -2.07 15.41
N LEU A 29 4.11 -2.98 15.04
CA LEU A 29 3.34 -3.75 16.01
C LEU A 29 4.18 -4.86 16.63
N MET A 30 4.64 -5.78 15.79
CA MET A 30 5.46 -6.90 16.25
C MET A 30 6.73 -6.41 16.96
N ILE A 31 7.23 -5.25 16.54
CA ILE A 31 8.43 -4.67 17.13
C ILE A 31 8.24 -4.43 18.63
N ILE A 32 6.99 -4.32 19.05
CA ILE A 32 6.67 -4.07 20.45
C ILE A 32 6.69 -5.34 21.27
N HIS A 33 6.29 -6.45 20.65
CA HIS A 33 6.25 -7.74 21.34
C HIS A 33 7.61 -8.42 21.28
N ASP A 34 8.64 -7.64 20.94
CA ASP A 34 9.99 -8.17 20.85
C ASP A 34 10.51 -8.60 22.22
N ARG A 35 10.01 -7.94 23.26
CA ARG A 35 10.43 -8.25 24.63
C ARG A 35 9.31 -7.96 25.62
N ARG A 36 8.24 -8.74 25.56
CA ARG A 36 7.11 -8.57 26.46
C ARG A 36 7.45 -9.07 27.86
N GLY A 1 -12.16 -1.00 -21.81
CA GLY A 1 -13.55 -1.19 -21.29
C GLY A 1 -14.28 0.14 -21.14
N PRO A 2 -15.61 0.10 -20.88
CA PRO A 2 -16.42 1.30 -20.73
C PRO A 2 -16.42 1.82 -19.29
N ASP A 3 -15.97 3.06 -19.12
CA ASP A 3 -15.92 3.71 -17.82
C ASP A 3 -15.23 2.84 -16.77
N ILE A 4 -14.16 2.17 -17.20
CA ILE A 4 -13.40 1.31 -16.29
C ILE A 4 -11.93 1.71 -16.28
N ILE A 5 -11.52 2.44 -17.30
CA ILE A 5 -10.14 2.89 -17.42
C ILE A 5 -9.75 3.83 -16.27
N PRO A 6 -10.59 4.83 -15.93
CA PRO A 6 -10.28 5.76 -14.85
C PRO A 6 -10.48 5.13 -13.48
N ILE A 7 -11.06 3.93 -13.48
CA ILE A 7 -11.30 3.20 -12.25
C ILE A 7 -10.11 2.34 -11.88
N VAL A 8 -9.53 1.68 -12.88
CA VAL A 8 -8.37 0.84 -12.65
C VAL A 8 -7.14 1.69 -12.31
N ALA A 9 -6.90 2.72 -13.10
CA ALA A 9 -5.76 3.60 -12.87
C ALA A 9 -5.82 4.25 -11.48
N GLY A 10 -7.04 4.47 -10.99
CA GLY A 10 -7.21 5.07 -9.68
C GLY A 10 -7.14 4.06 -8.56
N VAL A 11 -8.04 3.09 -8.57
CA VAL A 11 -8.08 2.05 -7.54
C VAL A 11 -6.75 1.31 -7.44
N VAL A 12 -6.27 0.78 -8.57
CA VAL A 12 -5.02 0.02 -8.60
C VAL A 12 -3.90 0.80 -7.91
N ALA A 13 -3.97 2.13 -7.95
CA ALA A 13 -2.97 2.97 -7.33
C ALA A 13 -3.16 3.04 -5.82
N GLY A 14 -4.40 3.25 -5.39
CA GLY A 14 -4.70 3.33 -3.98
C GLY A 14 -4.43 2.03 -3.25
N ILE A 15 -4.57 0.91 -3.96
CA ILE A 15 -4.34 -0.40 -3.37
C ILE A 15 -2.90 -0.53 -2.87
N VAL A 16 -1.97 0.06 -3.61
CA VAL A 16 -0.56 -0.01 -3.23
C VAL A 16 -0.29 0.75 -1.95
N LEU A 17 -0.77 2.00 -1.88
CA LEU A 17 -0.57 2.83 -0.71
C LEU A 17 -1.17 2.17 0.53
N ILE A 18 -2.30 1.49 0.36
CA ILE A 18 -2.96 0.82 1.46
C ILE A 18 -2.11 -0.33 2.00
N GLY A 19 -1.44 -1.04 1.10
CA GLY A 19 -0.60 -2.15 1.51
C GLY A 19 0.60 -1.70 2.33
N LEU A 20 0.94 -0.42 2.21
CA LEU A 20 2.08 0.14 2.95
C LEU A 20 1.58 0.82 4.22
N ALA A 21 0.41 1.42 4.14
CA ALA A 21 -0.18 2.12 5.28
C ALA A 21 -0.63 1.15 6.36
N LEU A 22 -0.89 -0.10 5.96
CA LEU A 22 -1.32 -1.13 6.89
C LEU A 22 -0.25 -1.40 7.94
N LEU A 23 1.01 -1.17 7.55
CA LEU A 23 2.14 -1.40 8.45
C LEU A 23 2.30 -0.24 9.42
N LEU A 24 1.83 0.93 9.02
CA LEU A 24 1.92 2.13 9.87
C LEU A 24 1.02 2.00 11.08
N ILE A 25 -0.29 1.87 10.84
CA ILE A 25 -1.26 1.73 11.92
C ILE A 25 -0.94 0.47 12.72
N TRP A 26 -0.28 -0.47 12.07
CA TRP A 26 0.11 -1.72 12.70
C TRP A 26 1.10 -1.47 13.83
N LYS A 27 2.11 -0.65 13.55
CA LYS A 27 3.13 -0.33 14.54
C LYS A 27 2.49 0.30 15.78
N LEU A 28 1.46 1.11 15.56
CA LEU A 28 0.77 1.80 16.65
C LEU A 28 0.27 0.80 17.69
N LEU A 29 0.13 -0.45 17.29
CA LEU A 29 -0.35 -1.50 18.19
C LEU A 29 0.79 -2.07 19.03
N MET A 30 1.84 -2.55 18.37
CA MET A 30 2.99 -3.15 19.06
C MET A 30 3.76 -2.11 19.87
N ILE A 31 3.64 -0.85 19.52
CA ILE A 31 4.34 0.23 20.23
C ILE A 31 3.79 0.41 21.63
N ILE A 32 2.55 -0.02 21.84
CA ILE A 32 1.89 0.09 23.14
C ILE A 32 2.32 -1.04 24.07
N HIS A 33 2.58 -2.21 23.49
CA HIS A 33 2.99 -3.37 24.29
C HIS A 33 4.50 -3.37 24.51
N ASP A 34 5.15 -2.27 24.13
CA ASP A 34 6.60 -2.15 24.29
C ASP A 34 6.98 -2.13 25.77
N ARG A 35 6.06 -1.65 26.60
CA ARG A 35 6.29 -1.56 28.04
C ARG A 35 5.53 -2.66 28.77
N ARG A 36 4.43 -3.12 28.16
CA ARG A 36 3.60 -4.15 28.75
C ARG A 36 4.21 -5.53 28.52
#